data_7X0K
#
_entry.id   7X0K
#
_cell.length_a   69.440
_cell.length_b   44.150
_cell.length_c   113.060
_cell.angle_alpha   90.000
_cell.angle_beta   103.980
_cell.angle_gamma   90.000
#
_symmetry.space_group_name_H-M   'P 1 21 1'
#
loop_
_entity.id
_entity.type
_entity.pdbx_description
1 polymer CpbB
2 branched beta-D-glucopyranose-(1-4)-beta-D-glucopyranose-(1-4)-beta-D-glucopyranose
3 water water
#
_entity_poly.entity_id   1
_entity_poly.type   'polypeptide(L)'
_entity_poly.pdbx_seq_one_letter_code
;SVKLT(MSE)WI(MSE)PNSDTPDQDLLKVVKPFTDANPHITVEPTVVDWSAALTKITAAATSGEAPDITQVGSTWTAAI
GA(MSE)EGALVELTGKIDTSAFVESTLQSAYIKGTDK(MSE)FG(MSE)PWFTETRALFYRKDACEKAGVNPETDFATW
DKFKDALKKLNGIEVDGKKLAALG(MSE)PGKNDWNVVHNFSWWIYGAGGDFVNEEGTQATFSSENALKGIKFYSELAVE
GL(MSE)DEPSLEKNTSDIESAFGDGAYATAF(MSE)GPWVISSYTKNKEENGNDLIDKIGVT(MSE)VPEGPAGRYAF
(MSE)GGSNLVIFNSSKNKDEALELLKFFASKEAQVEYSKVSK(MSE)LPVVKAAYEDPYFEDSL(MSE)KVFKEQVDKY
GKHYASVPGWASAEVIFSEGLSKIWDNV(MSE)EVDGAYSYDKTVQIVKDVESQINQILQETSK
;
_entity_poly.pdbx_strand_id   A,B
#
loop_
_chem_comp.id
_chem_comp.type
_chem_comp.name
_chem_comp.formula
BGC D-saccharide, beta linking beta-D-glucopyranose 'C6 H12 O6'
#
# COMPACT_ATOMS: atom_id res chain seq x y z
N SER A 1 -31.54 12.82 30.94
CA SER A 1 -30.81 12.09 29.91
C SER A 1 -29.32 12.37 30.01
N VAL A 2 -28.51 11.40 29.58
CA VAL A 2 -27.07 11.61 29.49
C VAL A 2 -26.78 12.60 28.38
N LYS A 3 -26.01 13.64 28.69
CA LYS A 3 -25.58 14.62 27.71
C LYS A 3 -24.17 14.27 27.26
N LEU A 4 -24.06 13.55 26.15
CA LEU A 4 -22.76 13.18 25.61
C LEU A 4 -22.06 14.42 25.05
N THR A 5 -20.87 14.72 25.58
CA THR A 5 -20.06 15.81 25.03
C THR A 5 -19.18 15.27 23.91
N MSE A 6 -19.12 16.03 22.83
CA MSE A 6 -18.47 15.57 21.61
C MSE A 6 -17.75 16.71 20.90
O MSE A 6 -18.36 17.72 20.57
CB MSE A 6 -19.51 14.95 20.68
CG MSE A 6 -18.97 14.40 19.40
SE MSE A 6 -20.45 13.80 18.28
CE MSE A 6 -19.39 13.23 16.74
H MSE A 6 -19.46 16.82 22.76
HA MSE A 6 -17.81 14.89 21.83
HB2 MSE A 6 -19.94 14.21 21.16
HB3 MSE A 6 -20.17 15.63 20.46
HG2 MSE A 6 -18.48 15.09 18.93
HG3 MSE A 6 -18.40 13.64 19.58
HE1 MSE A 6 -19.98 12.90 16.05
HE2 MSE A 6 -18.89 14.00 16.41
HE3 MSE A 6 -18.77 12.53 17.01
N TRP A 7 -16.44 16.55 20.69
CA TRP A 7 -15.67 17.53 19.94
C TRP A 7 -15.73 17.20 18.45
N ILE A 8 -16.05 18.20 17.63
CA ILE A 8 -15.99 18.06 16.18
C ILE A 8 -15.12 19.17 15.63
N MSE A 9 -14.42 18.87 14.55
CA MSE A 9 -13.73 19.90 13.78
C MSE A 9 -14.78 20.50 12.83
O MSE A 9 -15.82 19.89 12.62
CB MSE A 9 -12.53 19.33 13.04
CG MSE A 9 -11.30 19.07 13.94
SE MSE A 9 -11.31 17.36 14.90
CE MSE A 9 -11.89 17.95 16.67
H MSE A 9 -14.33 18.07 14.22
HA MSE A 9 -13.36 20.59 14.35
HB2 MSE A 9 -12.77 18.49 12.63
HB3 MSE A 9 -12.26 19.97 12.36
HG2 MSE A 9 -10.51 19.08 13.39
HG3 MSE A 9 -11.26 19.78 14.60
HE1 MSE A 9 -12.01 17.18 17.24
HE2 MSE A 9 -11.22 18.55 17.03
HE3 MSE A 9 -12.74 18.43 16.58
N PRO A 10 -14.52 21.69 12.29
CA PRO A 10 -15.55 22.34 11.47
C PRO A 10 -15.76 21.63 10.13
N ASN A 11 -16.62 20.60 10.13
CA ASN A 11 -16.80 19.76 8.95
C ASN A 11 -17.90 20.26 8.01
N SER A 12 -18.62 21.31 8.37
CA SER A 12 -19.72 21.80 7.55
C SER A 12 -19.92 23.29 7.83
N ASP A 13 -20.82 23.89 7.05
CA ASP A 13 -21.00 25.34 7.09
C ASP A 13 -21.45 25.81 8.47
N THR A 14 -22.35 25.06 9.11
CA THR A 14 -22.85 25.35 10.45
C THR A 14 -22.62 24.09 11.27
N PRO A 15 -21.39 23.89 11.76
CA PRO A 15 -21.02 22.54 12.25
C PRO A 15 -21.89 22.02 13.38
N ASP A 16 -22.13 22.83 14.42
CA ASP A 16 -22.88 22.34 15.57
C ASP A 16 -24.32 22.01 15.18
N GLN A 17 -24.98 22.93 14.45
CA GLN A 17 -26.37 22.70 14.08
C GLN A 17 -26.50 21.51 13.14
N ASP A 18 -25.58 21.39 12.17
CA ASP A 18 -25.63 20.26 11.24
C ASP A 18 -25.47 18.94 11.97
N LEU A 19 -24.52 18.87 12.90
CA LEU A 19 -24.35 17.67 13.71
C LEU A 19 -25.63 17.33 14.47
N LEU A 20 -26.24 18.35 15.09
CA LEU A 20 -27.44 18.12 15.89
C LEU A 20 -28.59 17.57 15.04
N LYS A 21 -28.72 18.03 13.79
CA LYS A 21 -29.80 17.54 12.96
C LYS A 21 -29.57 16.08 12.58
N VAL A 22 -28.32 15.69 12.36
CA VAL A 22 -28.01 14.32 11.98
C VAL A 22 -28.23 13.36 13.14
N VAL A 23 -28.05 13.82 14.39
CA VAL A 23 -28.23 12.94 15.54
C VAL A 23 -29.64 12.99 16.09
N LYS A 24 -30.53 13.82 15.55
CA LYS A 24 -31.89 13.86 16.08
C LYS A 24 -32.60 12.53 15.96
N PRO A 25 -32.43 11.75 14.88
CA PRO A 25 -33.03 10.41 14.85
C PRO A 25 -32.49 9.50 15.94
N PHE A 26 -31.24 9.72 16.37
CA PHE A 26 -30.67 8.91 17.45
C PHE A 26 -31.37 9.21 18.77
N THR A 27 -31.53 10.49 19.11
CA THR A 27 -32.22 10.85 20.34
C THR A 27 -33.70 10.49 20.29
N ASP A 28 -34.32 10.56 19.11
CA ASP A 28 -35.70 10.10 18.97
C ASP A 28 -35.83 8.66 19.41
N ALA A 29 -34.91 7.80 18.99
CA ALA A 29 -34.95 6.38 19.32
C ALA A 29 -34.26 6.04 20.63
N ASN A 30 -33.46 6.96 21.17
CA ASN A 30 -32.77 6.77 22.45
C ASN A 30 -33.03 8.01 23.30
N PRO A 31 -34.24 8.14 23.85
CA PRO A 31 -34.57 9.38 24.59
C PRO A 31 -33.68 9.63 25.79
N HIS A 32 -32.94 8.63 26.26
CA HIS A 32 -32.07 8.80 27.43
C HIS A 32 -30.75 9.47 27.10
N ILE A 33 -30.49 9.81 25.83
CA ILE A 33 -29.18 10.28 25.40
C ILE A 33 -29.35 11.50 24.50
N THR A 34 -28.72 12.61 24.86
CA THR A 34 -28.59 13.75 23.97
C THR A 34 -27.11 13.99 23.68
N VAL A 35 -26.84 14.88 22.73
CA VAL A 35 -25.49 15.14 22.26
C VAL A 35 -25.24 16.64 22.29
N GLU A 36 -24.10 17.03 22.86
CA GLU A 36 -23.67 18.43 22.86
C GLU A 36 -22.36 18.54 22.09
N PRO A 37 -22.39 18.99 20.84
CA PRO A 37 -21.14 19.19 20.10
C PRO A 37 -20.44 20.49 20.48
N THR A 38 -19.11 20.45 20.43
CA THR A 38 -18.26 21.64 20.58
C THR A 38 -17.29 21.66 19.41
N VAL A 39 -17.20 22.80 18.74
CA VAL A 39 -16.32 22.94 17.59
C VAL A 39 -14.90 23.21 18.07
N VAL A 40 -13.95 22.43 17.54
CA VAL A 40 -12.52 22.60 17.80
C VAL A 40 -11.84 22.91 16.48
N ASP A 41 -11.28 24.11 16.37
CA ASP A 41 -10.66 24.56 15.14
C ASP A 41 -9.43 23.71 14.82
N TRP A 42 -9.21 23.49 13.52
CA TRP A 42 -8.24 22.49 13.09
C TRP A 42 -6.84 22.81 13.57
N SER A 43 -6.45 24.10 13.57
CA SER A 43 -5.09 24.44 13.96
C SER A 43 -4.82 24.15 15.43
N ALA A 44 -5.86 24.01 16.25
CA ALA A 44 -5.71 23.75 17.67
C ALA A 44 -6.09 22.33 18.05
N ALA A 45 -6.48 21.50 17.07
CA ALA A 45 -7.09 20.22 17.39
C ALA A 45 -6.07 19.24 17.98
N LEU A 46 -4.87 19.17 17.41
CA LEU A 46 -3.89 18.21 17.90
C LEU A 46 -3.47 18.55 19.33
N THR A 47 -3.18 19.82 19.59
CA THR A 47 -2.81 20.23 20.94
C THR A 47 -3.96 19.99 21.92
N LYS A 48 -5.19 20.34 21.51
CA LYS A 48 -6.33 20.21 22.42
C LYS A 48 -6.68 18.75 22.67
N ILE A 49 -6.70 17.92 21.61
CA ILE A 49 -6.99 16.50 21.79
C ILE A 49 -5.90 15.85 22.64
N THR A 50 -4.64 16.19 22.37
CA THR A 50 -3.55 15.62 23.15
C THR A 50 -3.66 16.04 24.61
N ALA A 51 -3.97 17.32 24.87
CA ALA A 51 -4.09 17.78 26.25
C ALA A 51 -5.25 17.10 26.95
N ALA A 52 -6.34 16.85 26.24
CA ALA A 52 -7.46 16.10 26.83
C ALA A 52 -7.03 14.71 27.22
N ALA A 53 -6.23 14.05 26.38
CA ALA A 53 -5.80 12.69 26.68
C ALA A 53 -4.85 12.65 27.87
N THR A 54 -3.91 13.60 27.94
CA THR A 54 -2.89 13.57 28.98
C THR A 54 -3.40 14.08 30.32
N SER A 55 -4.36 15.01 30.31
CA SER A 55 -4.83 15.62 31.55
C SER A 55 -5.95 14.83 32.21
N GLY A 56 -6.76 14.12 31.42
CA GLY A 56 -7.97 13.50 31.93
C GLY A 56 -9.18 14.38 31.91
N GLU A 57 -9.04 15.66 31.58
CA GLU A 57 -10.17 16.57 31.40
C GLU A 57 -10.53 16.53 29.92
N ALA A 58 -11.61 15.82 29.60
CA ALA A 58 -11.90 15.52 28.20
C ALA A 58 -13.40 15.38 28.04
N PRO A 59 -13.90 15.52 26.82
CA PRO A 59 -15.29 15.16 26.54
C PRO A 59 -15.45 13.65 26.50
N ASP A 60 -16.68 13.16 26.29
CA ASP A 60 -16.88 11.73 26.12
C ASP A 60 -16.26 11.25 24.82
N ILE A 61 -16.45 12.01 23.74
CA ILE A 61 -16.05 11.61 22.41
C ILE A 61 -15.33 12.77 21.74
N THR A 62 -14.43 12.46 20.82
CA THR A 62 -13.89 13.49 19.94
C THR A 62 -13.68 12.94 18.54
N GLN A 63 -13.91 13.79 17.56
CA GLN A 63 -13.41 13.55 16.21
C GLN A 63 -11.90 13.65 16.22
N VAL A 64 -11.25 12.76 15.47
CA VAL A 64 -9.80 12.79 15.30
C VAL A 64 -9.50 12.61 13.82
N GLY A 65 -8.65 13.49 13.28
CA GLY A 65 -8.16 13.31 11.93
C GLY A 65 -7.65 11.90 11.74
N SER A 66 -8.01 11.26 10.63
CA SER A 66 -7.65 9.86 10.44
C SER A 66 -6.16 9.64 10.59
N THR A 67 -5.34 10.61 10.16
CA THR A 67 -3.90 10.45 10.19
C THR A 67 -3.31 10.54 11.59
N TRP A 68 -4.08 11.05 12.56
CA TRP A 68 -3.65 11.20 13.94
C TRP A 68 -4.13 10.08 14.85
N THR A 69 -5.03 9.20 14.37
CA THR A 69 -5.67 8.25 15.25
C THR A 69 -4.65 7.34 15.94
N ALA A 70 -3.66 6.85 15.18
CA ALA A 70 -2.66 5.96 15.77
C ALA A 70 -1.87 6.67 16.86
N ALA A 71 -1.61 7.97 16.67
CA ALA A 71 -0.84 8.72 17.66
C ALA A 71 -1.58 8.80 18.98
N ILE A 72 -2.89 9.07 18.94
CA ILE A 72 -3.66 9.18 20.17
C ILE A 72 -3.91 7.81 20.77
N GLY A 73 -4.22 6.81 19.94
CA GLY A 73 -4.43 5.46 20.45
C GLY A 73 -3.20 4.89 21.13
N ALA A 74 -2.01 5.26 20.66
CA ALA A 74 -0.76 4.76 21.24
C ALA A 74 -0.46 5.38 22.59
N MSE A 75 -1.17 6.43 22.98
CA MSE A 75 -1.01 7.02 24.30
C MSE A 75 -1.64 6.10 25.34
O MSE A 75 -2.84 5.86 25.33
CB MSE A 75 -1.63 8.40 24.35
CG MSE A 75 -0.96 9.38 23.40
SE MSE A 75 -1.84 11.12 23.33
CE MSE A 75 -0.64 12.02 22.08
H MSE A 75 -1.75 6.82 22.50
HA MSE A 75 -0.06 7.13 24.52
HB2 MSE A 75 -2.56 8.34 24.09
HB3 MSE A 75 -1.55 8.76 25.25
HG2 MSE A 75 -0.05 9.53 23.69
HG3 MSE A 75 -0.96 9.01 22.51
HE1 MSE A 75 -0.96 12.91 21.93
HE2 MSE A 75 0.26 12.04 22.46
HE3 MSE A 75 -0.63 11.52 21.25
N GLU A 76 -0.81 5.57 26.25
CA GLU A 76 -1.26 4.54 27.16
C GLU A 76 -2.39 5.07 28.05
N GLY A 77 -3.53 4.39 28.02
CA GLY A 77 -4.67 4.73 28.85
C GLY A 77 -5.47 5.92 28.40
N ALA A 78 -5.23 6.43 27.19
CA ALA A 78 -5.93 7.63 26.74
C ALA A 78 -7.29 7.32 26.16
N LEU A 79 -7.38 6.28 25.32
CA LEU A 79 -8.61 5.96 24.60
C LEU A 79 -9.10 4.56 24.95
N VAL A 80 -10.40 4.36 24.76
CA VAL A 80 -10.99 3.03 24.90
C VAL A 80 -10.67 2.24 23.65
N GLU A 81 -10.07 1.05 23.83
CA GLU A 81 -9.82 0.17 22.70
C GLU A 81 -11.15 -0.38 22.18
N LEU A 82 -11.40 -0.18 20.91
CA LEU A 82 -12.68 -0.56 20.30
C LEU A 82 -12.63 -1.94 19.65
N THR A 83 -11.49 -2.62 19.69
CA THR A 83 -11.36 -3.92 19.06
C THR A 83 -12.42 -4.87 19.62
N GLY A 84 -13.27 -5.39 18.74
CA GLY A 84 -14.32 -6.30 19.12
C GLY A 84 -15.65 -5.65 19.48
N LYS A 85 -15.66 -4.34 19.73
CA LYS A 85 -16.89 -3.64 20.07
C LYS A 85 -17.62 -3.07 18.87
N ILE A 86 -16.95 -2.97 17.72
CA ILE A 86 -17.53 -2.43 16.51
C ILE A 86 -17.49 -3.52 15.44
N ASP A 87 -18.64 -3.77 14.82
CA ASP A 87 -18.71 -4.70 13.69
C ASP A 87 -17.99 -4.07 12.49
N THR A 88 -16.78 -4.54 12.21
CA THR A 88 -16.01 -3.98 11.09
C THR A 88 -16.54 -4.41 9.74
N SER A 89 -17.42 -5.41 9.68
CA SER A 89 -17.89 -5.93 8.41
C SER A 89 -18.68 -4.89 7.62
N ALA A 90 -19.21 -3.87 8.28
CA ALA A 90 -20.04 -2.87 7.61
C ALA A 90 -19.22 -1.80 6.89
N PHE A 91 -17.92 -1.71 7.16
CA PHE A 91 -17.12 -0.59 6.68
C PHE A 91 -16.44 -0.89 5.36
N VAL A 92 -16.24 0.17 4.58
CA VAL A 92 -15.31 0.11 3.46
C VAL A 92 -13.94 -0.23 4.00
N GLU A 93 -13.38 -1.35 3.57
CA GLU A 93 -12.22 -1.92 4.26
C GLU A 93 -11.04 -0.96 4.27
N SER A 94 -10.82 -0.22 3.19
CA SER A 94 -9.68 0.68 3.12
C SER A 94 -9.72 1.74 4.21
N THR A 95 -10.92 2.09 4.69
CA THR A 95 -11.04 3.12 5.72
C THR A 95 -10.62 2.62 7.10
N LEU A 96 -10.45 1.31 7.27
CA LEU A 96 -10.09 0.78 8.58
C LEU A 96 -8.61 0.91 8.89
N GLN A 97 -7.77 1.16 7.87
CA GLN A 97 -6.33 1.16 8.10
C GLN A 97 -5.93 2.24 9.10
N SER A 98 -6.62 3.38 9.08
CA SER A 98 -6.30 4.49 9.98
C SER A 98 -6.93 4.34 11.35
N ALA A 99 -7.83 3.37 11.52
CA ALA A 99 -8.43 3.11 12.83
C ALA A 99 -7.54 2.27 13.72
N TYR A 100 -6.56 1.57 13.15
CA TYR A 100 -5.64 0.73 13.89
C TYR A 100 -4.27 1.40 13.99
N ILE A 101 -3.49 0.96 14.96
CA ILE A 101 -2.07 1.28 15.00
C ILE A 101 -1.35 0.30 14.08
N LYS A 102 -0.65 0.82 13.08
CA LYS A 102 0.04 -0.02 12.12
C LYS A 102 0.99 -0.98 12.83
N GLY A 103 0.97 -2.24 12.39
CA GLY A 103 1.79 -3.27 13.00
C GLY A 103 1.14 -3.99 14.17
N THR A 104 -0.07 -3.61 14.54
CA THR A 104 -0.79 -4.25 15.63
C THR A 104 -2.19 -4.61 15.16
N ASP A 105 -2.95 -5.25 16.05
CA ASP A 105 -4.36 -5.53 15.82
C ASP A 105 -5.25 -4.66 16.69
N LYS A 106 -4.75 -3.53 17.17
CA LYS A 106 -5.44 -2.70 18.14
C LYS A 106 -6.17 -1.58 17.42
N MSE A 107 -7.51 -1.58 17.54
CA MSE A 107 -8.33 -0.53 16.97
C MSE A 107 -8.73 0.46 18.06
O MSE A 107 -9.34 0.06 19.06
CB MSE A 107 -9.58 -1.14 16.32
CG MSE A 107 -10.38 -0.16 15.50
SE MSE A 107 -11.93 -1.02 14.68
CE MSE A 107 -12.99 -1.33 16.28
H MSE A 107 -7.94 -2.18 17.96
HA MSE A 107 -7.85 -0.07 16.26
HB2 MSE A 107 -9.31 -1.86 15.74
HB3 MSE A 107 -10.16 -1.47 17.03
HG2 MSE A 107 -10.70 0.56 16.07
HG3 MSE A 107 -9.82 0.20 14.79
HE1 MSE A 107 -13.69 -1.96 16.08
HE2 MSE A 107 -12.41 -1.66 16.98
HE3 MSE A 107 -13.38 -0.47 16.55
N PHE A 108 -8.37 1.73 17.87
CA PHE A 108 -8.69 2.77 18.84
C PHE A 108 -9.62 3.83 18.29
N GLY A 109 -10.03 3.73 17.03
CA GLY A 109 -10.97 4.67 16.48
C GLY A 109 -11.96 3.96 15.56
N MSE A 110 -13.09 4.62 15.35
CA MSE A 110 -14.07 4.13 14.40
C MSE A 110 -14.10 5.09 13.21
O MSE A 110 -14.28 6.29 13.40
CB MSE A 110 -15.47 4.03 15.02
CG MSE A 110 -16.45 3.32 14.12
SE MSE A 110 -18.30 3.72 14.56
CE MSE A 110 -18.41 5.54 13.87
H MSE A 110 -13.32 5.34 15.76
HA MSE A 110 -13.84 3.23 14.12
HB2 MSE A 110 -15.40 3.53 15.85
HB3 MSE A 110 -15.80 4.92 15.19
HG2 MSE A 110 -16.30 3.59 13.21
HG3 MSE A 110 -16.33 2.36 14.21
HE1 MSE A 110 -19.29 5.91 14.04
HE2 MSE A 110 -17.73 6.09 14.31
HE3 MSE A 110 -18.24 5.53 12.91
N PRO A 111 -13.91 4.56 12.00
CA PRO A 111 -14.04 5.43 10.82
C PRO A 111 -15.38 6.15 10.84
N TRP A 112 -15.33 7.45 10.51
CA TRP A 112 -16.55 8.27 10.44
C TRP A 112 -16.82 8.74 9.02
N PHE A 113 -15.87 9.41 8.38
CA PHE A 113 -16.02 9.81 6.99
C PHE A 113 -14.65 9.83 6.33
N THR A 114 -14.67 9.86 5.00
CA THR A 114 -13.47 9.93 4.18
C THR A 114 -13.57 11.17 3.29
N GLU A 115 -12.41 11.61 2.80
CA GLU A 115 -12.36 12.72 1.86
C GLU A 115 -11.12 12.58 0.99
N THR A 116 -11.14 13.26 -0.14
CA THR A 116 -10.00 13.39 -1.02
C THR A 116 -10.06 14.79 -1.63
N ARG A 117 -9.00 15.16 -2.31
CA ARG A 117 -8.88 16.47 -2.94
C ARG A 117 -8.96 16.29 -4.45
N ALA A 118 -9.91 16.98 -5.08
CA ALA A 118 -10.14 16.88 -6.52
C ALA A 118 -9.91 18.24 -7.16
N LEU A 119 -9.96 18.26 -8.49
CA LEU A 119 -9.58 19.45 -9.26
C LEU A 119 -10.84 20.19 -9.68
N PHE A 120 -11.16 21.26 -8.95
CA PHE A 120 -12.25 22.16 -9.34
C PHE A 120 -11.78 23.08 -10.46
N TYR A 121 -12.67 23.38 -11.39
CA TYR A 121 -12.35 24.28 -12.49
C TYR A 121 -13.56 25.13 -12.84
N ARG A 122 -13.28 26.32 -13.36
CA ARG A 122 -14.31 27.21 -13.85
C ARG A 122 -14.65 26.84 -15.29
N LYS A 123 -15.91 26.49 -15.53
CA LYS A 123 -16.34 26.09 -16.87
C LYS A 123 -16.26 27.25 -17.84
N ASP A 124 -16.66 28.46 -17.42
CA ASP A 124 -16.61 29.60 -18.33
C ASP A 124 -15.19 29.90 -18.75
N ALA A 125 -14.23 29.85 -17.82
CA ALA A 125 -12.84 30.11 -18.17
C ALA A 125 -12.29 29.05 -19.11
N CYS A 126 -12.62 27.78 -18.88
CA CYS A 126 -12.11 26.72 -19.76
C CYS A 126 -12.72 26.81 -21.15
N GLU A 127 -14.01 27.14 -21.24
CA GLU A 127 -14.64 27.30 -22.55
C GLU A 127 -14.00 28.45 -23.32
N LYS A 128 -13.71 29.57 -22.65
CA LYS A 128 -13.09 30.69 -23.33
C LYS A 128 -11.70 30.34 -23.83
N ALA A 129 -10.88 29.67 -22.99
CA ALA A 129 -9.51 29.35 -23.32
C ALA A 129 -9.38 28.12 -24.21
N GLY A 130 -10.48 27.44 -24.53
CA GLY A 130 -10.40 26.23 -25.34
C GLY A 130 -9.83 25.05 -24.61
N VAL A 131 -9.97 25.02 -23.28
CA VAL A 131 -9.49 23.90 -22.48
C VAL A 131 -10.62 22.91 -22.28
N ASN A 132 -10.33 21.63 -22.54
CA ASN A 132 -11.28 20.54 -22.39
C ASN A 132 -10.93 19.78 -21.12
N PRO A 133 -11.67 19.95 -20.02
CA PRO A 133 -11.15 19.51 -18.71
C PRO A 133 -10.91 18.03 -18.60
N GLU A 134 -11.82 17.19 -19.09
CA GLU A 134 -11.73 15.75 -18.85
C GLU A 134 -10.42 15.19 -19.41
N THR A 135 -9.96 15.71 -20.53
CA THR A 135 -8.75 15.22 -21.17
C THR A 135 -7.54 16.11 -20.94
N ASP A 136 -7.74 17.44 -20.91
CA ASP A 136 -6.60 18.34 -20.75
C ASP A 136 -6.05 18.34 -19.33
N PHE A 137 -6.81 17.84 -18.36
CA PHE A 137 -6.33 17.70 -16.99
C PHE A 137 -5.89 16.26 -16.69
N ALA A 138 -5.82 15.39 -17.70
CA ALA A 138 -5.68 13.97 -17.46
C ALA A 138 -4.26 13.58 -17.06
N THR A 139 -3.25 14.34 -17.48
CA THR A 139 -1.86 14.02 -17.20
C THR A 139 -1.13 15.28 -16.72
N TRP A 140 0.07 15.06 -16.17
CA TRP A 140 0.87 16.15 -15.65
C TRP A 140 1.11 17.25 -16.69
N ASP A 141 1.58 16.87 -17.87
CA ASP A 141 1.98 17.86 -18.86
C ASP A 141 0.80 18.40 -19.65
N LYS A 142 -0.28 17.64 -19.80
CA LYS A 142 -1.49 18.20 -20.36
C LYS A 142 -2.09 19.23 -19.41
N PHE A 143 -2.09 18.91 -18.10
CA PHE A 143 -2.52 19.87 -17.09
C PHE A 143 -1.70 21.15 -17.18
N LYS A 144 -0.38 21.01 -17.28
CA LYS A 144 0.50 22.18 -17.34
C LYS A 144 0.19 23.03 -18.57
N ASP A 145 -0.02 22.41 -19.72
CA ASP A 145 -0.37 23.17 -20.92
C ASP A 145 -1.70 23.89 -20.73
N ALA A 146 -2.64 23.24 -20.05
CA ALA A 146 -3.93 23.87 -19.80
C ALA A 146 -3.80 25.11 -18.95
N LEU A 147 -2.97 25.05 -17.89
CA LEU A 147 -2.75 26.22 -17.07
C LEU A 147 -2.15 27.36 -17.87
N LYS A 148 -1.25 27.05 -18.80
CA LYS A 148 -0.70 28.07 -19.68
C LYS A 148 -1.79 28.80 -20.44
N LYS A 149 -2.76 28.04 -20.98
CA LYS A 149 -3.85 28.65 -21.73
C LYS A 149 -4.77 29.47 -20.83
N LEU A 150 -4.96 29.04 -19.58
CA LEU A 150 -5.88 29.70 -18.68
C LEU A 150 -5.28 30.92 -17.99
N ASN A 151 -3.97 31.01 -17.90
CA ASN A 151 -3.35 32.02 -17.05
C ASN A 151 -3.51 33.41 -17.66
N GLY A 152 -4.04 34.33 -16.86
CA GLY A 152 -4.17 35.72 -17.25
C GLY A 152 -5.41 36.05 -18.05
N ILE A 153 -6.21 35.07 -18.46
CA ILE A 153 -7.37 35.39 -19.29
C ILE A 153 -8.38 36.17 -18.45
N GLU A 154 -9.20 36.95 -19.14
CA GLU A 154 -10.15 37.84 -18.49
C GLU A 154 -11.53 37.18 -18.44
N VAL A 155 -12.07 37.05 -17.24
CA VAL A 155 -13.41 36.52 -17.03
C VAL A 155 -14.08 37.39 -15.96
N ASP A 156 -15.32 37.78 -16.22
CA ASP A 156 -16.01 38.75 -15.35
C ASP A 156 -15.15 40.03 -15.36
N GLY A 157 -14.97 40.69 -14.23
CA GLY A 157 -14.15 41.89 -14.19
C GLY A 157 -12.80 41.66 -13.54
N LYS A 158 -12.13 40.56 -13.90
CA LYS A 158 -10.88 40.21 -13.26
C LYS A 158 -9.98 39.48 -14.24
N LYS A 159 -8.68 39.52 -13.95
CA LYS A 159 -7.70 38.64 -14.59
C LYS A 159 -7.58 37.37 -13.74
N LEU A 160 -7.88 36.22 -14.34
CA LEU A 160 -7.87 34.97 -13.60
C LEU A 160 -6.44 34.45 -13.44
N ALA A 161 -6.14 33.97 -12.24
CA ALA A 161 -4.97 33.13 -12.04
C ALA A 161 -5.32 31.69 -12.39
N ALA A 162 -4.41 31.02 -13.10
CA ALA A 162 -4.74 29.70 -13.64
C ALA A 162 -4.96 28.68 -12.53
N LEU A 163 -4.08 28.67 -11.52
CA LEU A 163 -4.17 27.74 -10.41
C LEU A 163 -3.90 28.48 -9.12
N GLY A 164 -4.74 28.25 -8.12
CA GLY A 164 -4.56 28.87 -6.82
C GLY A 164 -4.45 27.85 -5.71
N MSE A 165 -3.31 27.84 -5.04
CA MSE A 165 -3.08 26.90 -3.95
C MSE A 165 -2.36 27.55 -2.78
O MSE A 165 -1.52 28.43 -2.98
CB MSE A 165 -2.27 25.70 -4.44
CG MSE A 165 -3.03 24.79 -5.39
SE MSE A 165 -4.60 23.97 -4.57
CE MSE A 165 -3.70 22.71 -3.40
H MSE A 165 -2.64 28.36 -5.19
HA MSE A 165 -3.94 26.58 -3.64
HB2 MSE A 165 -1.48 26.01 -4.91
HB3 MSE A 165 -2.01 25.16 -3.68
HG2 MSE A 165 -3.33 25.32 -6.15
HG3 MSE A 165 -2.44 24.08 -5.69
HE1 MSE A 165 -4.37 22.22 -2.89
HE2 MSE A 165 -3.19 22.08 -3.95
HE3 MSE A 165 -3.11 23.18 -2.80
N PRO A 166 -2.65 27.10 -1.57
CA PRO A 166 -2.01 27.68 -0.38
C PRO A 166 -0.59 27.20 -0.18
N GLY A 167 0.19 28.03 0.51
CA GLY A 167 1.57 27.66 0.83
C GLY A 167 1.90 27.90 2.28
N LYS A 168 0.95 28.47 3.03
CA LYS A 168 1.17 28.81 4.41
C LYS A 168 0.99 27.58 5.31
N ASN A 169 1.63 27.62 6.47
CA ASN A 169 1.63 26.49 7.40
C ASN A 169 0.21 26.14 7.84
N ASP A 170 -0.25 24.95 7.44
CA ASP A 170 -1.42 24.31 8.04
C ASP A 170 -1.31 22.82 7.70
N TRP A 171 -2.30 22.04 8.16
CA TRP A 171 -2.20 20.59 8.02
C TRP A 171 -2.21 20.14 6.57
N ASN A 172 -2.65 20.98 5.65
CA ASN A 172 -2.78 20.58 4.25
C ASN A 172 -1.48 20.76 3.47
N VAL A 173 -0.42 21.27 4.08
CA VAL A 173 0.84 21.45 3.35
C VAL A 173 1.34 20.11 2.81
N VAL A 174 1.35 19.09 3.66
CA VAL A 174 1.81 17.77 3.22
C VAL A 174 0.74 17.10 2.36
N HIS A 175 -0.53 17.27 2.72
CA HIS A 175 -1.62 16.65 1.97
C HIS A 175 -1.60 17.10 0.51
N ASN A 176 -1.28 18.37 0.27
CA ASN A 176 -1.26 18.90 -1.09
C ASN A 176 -0.04 18.44 -1.87
N PHE A 177 1.04 18.04 -1.19
CA PHE A 177 2.17 17.41 -1.88
C PHE A 177 1.95 15.93 -2.13
N SER A 178 1.07 15.29 -1.35
CA SER A 178 1.06 13.83 -1.25
C SER A 178 0.91 13.16 -2.61
N TRP A 179 -0.17 13.49 -3.33
CA TRP A 179 -0.44 12.76 -4.57
C TRP A 179 0.49 13.14 -5.71
N TRP A 180 1.24 14.23 -5.59
CA TRP A 180 2.30 14.50 -6.56
C TRP A 180 3.47 13.56 -6.34
N ILE A 181 3.79 13.30 -5.07
CA ILE A 181 4.83 12.33 -4.75
C ILE A 181 4.40 10.92 -5.16
N TYR A 182 3.17 10.53 -4.82
CA TYR A 182 2.68 9.21 -5.21
C TYR A 182 2.65 9.05 -6.73
N GLY A 183 2.11 10.05 -7.44
CA GLY A 183 2.01 9.96 -8.87
C GLY A 183 3.36 10.00 -9.58
N ALA A 184 4.37 10.55 -8.92
CA ALA A 184 5.71 10.53 -9.48
C ALA A 184 6.35 9.16 -9.36
N GLY A 185 5.83 8.32 -8.48
CA GLY A 185 6.46 7.07 -8.14
C GLY A 185 7.25 7.09 -6.86
N GLY A 186 6.85 7.94 -5.89
CA GLY A 186 7.50 8.01 -4.61
C GLY A 186 6.52 7.76 -3.48
N ASP A 187 7.06 7.79 -2.26
CA ASP A 187 6.24 7.62 -1.06
C ASP A 187 6.91 8.37 0.09
N PHE A 188 6.16 8.55 1.17
CA PHE A 188 6.70 9.23 2.34
C PHE A 188 7.53 8.30 3.21
N VAL A 189 7.18 7.02 3.26
CA VAL A 189 7.85 6.06 4.13
C VAL A 189 8.00 4.73 3.39
N ASN A 190 8.81 3.85 3.97
CA ASN A 190 8.91 2.48 3.48
C ASN A 190 7.65 1.70 3.85
N GLU A 191 7.61 0.43 3.44
CA GLU A 191 6.41 -0.37 3.66
C GLU A 191 6.12 -0.55 5.15
N GLU A 192 7.15 -0.53 5.98
CA GLU A 192 6.97 -0.75 7.41
C GLU A 192 6.55 0.51 8.15
N GLY A 193 6.66 1.67 7.53
CA GLY A 193 6.35 2.91 8.21
C GLY A 193 7.36 3.31 9.26
N THR A 194 8.61 2.86 9.11
CA THR A 194 9.67 3.08 10.08
C THR A 194 10.81 3.93 9.53
N GLN A 195 10.79 4.26 8.25
CA GLN A 195 11.87 5.00 7.59
C GLN A 195 11.27 5.96 6.59
N ALA A 196 11.72 7.21 6.62
CA ALA A 196 11.28 8.20 5.64
C ALA A 196 12.00 7.99 4.30
N THR A 197 11.27 8.22 3.21
CA THR A 197 11.81 7.93 1.88
C THR A 197 11.44 8.97 0.82
N PHE A 198 10.96 10.15 1.20
CA PHE A 198 10.50 11.11 0.22
C PHE A 198 11.62 12.00 -0.33
N SER A 199 12.88 11.66 -0.05
CA SER A 199 14.01 12.24 -0.77
C SER A 199 14.45 11.38 -1.95
N SER A 200 13.72 10.30 -2.24
CA SER A 200 14.01 9.47 -3.39
C SER A 200 13.97 10.29 -4.67
N GLU A 201 14.58 9.73 -5.72
CA GLU A 201 14.60 10.40 -7.01
C GLU A 201 13.19 10.71 -7.50
N ASN A 202 12.30 9.73 -7.44
CA ASN A 202 10.94 9.94 -7.92
C ASN A 202 10.17 10.95 -7.06
N ALA A 203 10.30 10.83 -5.74
CA ALA A 203 9.60 11.77 -4.86
C ALA A 203 10.02 13.20 -5.15
N LEU A 204 11.32 13.44 -5.36
CA LEU A 204 11.78 14.78 -5.68
C LEU A 204 11.25 15.26 -7.02
N LYS A 205 11.08 14.35 -7.99
CA LYS A 205 10.54 14.75 -9.28
C LYS A 205 9.12 15.26 -9.14
N GLY A 206 8.33 14.65 -8.26
CA GLY A 206 6.99 15.15 -8.01
C GLY A 206 7.01 16.47 -7.23
N ILE A 207 7.90 16.57 -6.24
CA ILE A 207 8.04 17.82 -5.52
C ILE A 207 8.49 18.94 -6.45
N LYS A 208 9.43 18.63 -7.35
CA LYS A 208 9.92 19.64 -8.29
C LYS A 208 8.83 20.04 -9.29
N PHE A 209 8.12 19.06 -9.86
CA PHE A 209 7.08 19.38 -10.82
C PHE A 209 6.03 20.30 -10.21
N TYR A 210 5.53 19.94 -9.03
CA TYR A 210 4.43 20.68 -8.44
C TYR A 210 4.87 22.06 -7.98
N SER A 211 5.97 22.14 -7.24
CA SER A 211 6.41 23.42 -6.70
C SER A 211 6.85 24.38 -7.81
N GLU A 212 7.43 23.87 -8.89
CA GLU A 212 7.90 24.75 -9.96
C GLU A 212 6.77 25.24 -10.86
N LEU A 213 5.53 24.78 -10.66
CA LEU A 213 4.41 25.41 -11.35
C LEU A 213 4.31 26.89 -10.98
N ALA A 214 4.63 27.23 -9.74
CA ALA A 214 4.62 28.62 -9.31
C ALA A 214 5.84 29.37 -9.82
N VAL A 215 7.00 28.70 -9.86
CA VAL A 215 8.19 29.33 -10.41
C VAL A 215 7.98 29.70 -11.87
N GLU A 216 7.21 28.91 -12.60
CA GLU A 216 6.96 29.15 -14.02
C GLU A 216 5.82 30.11 -14.26
N GLY A 217 5.14 30.56 -13.20
CA GLY A 217 4.04 31.49 -13.33
C GLY A 217 2.69 30.83 -13.55
N LEU A 218 2.63 29.51 -13.65
CA LEU A 218 1.36 28.82 -13.88
C LEU A 218 0.53 28.74 -12.61
N MSE A 219 1.18 28.69 -11.45
CA MSE A 219 0.47 28.76 -10.17
CA MSE A 219 0.47 28.75 -10.18
C MSE A 219 0.68 30.14 -9.55
O MSE A 219 1.80 30.66 -9.55
CB MSE A 219 0.97 27.68 -9.20
CB MSE A 219 0.97 27.66 -9.23
CG MSE A 219 0.40 27.82 -7.79
CG MSE A 219 -0.03 27.26 -8.17
SE MSE A 219 1.12 26.52 -6.52
SE MSE A 219 0.44 25.57 -7.31
CE MSE A 219 0.65 24.91 -7.51
CE MSE A 219 2.02 26.16 -6.33
H MSE A 219 2.03 28.63 -11.38
HA MSE A 219 -0.47 28.58 -10.31
HB2 MSE A 219 0.71 26.81 -9.54
HB2 MSE A 219 1.17 26.87 -9.76
HB3 MSE A 219 1.94 27.74 -9.14
HB3 MSE A 219 1.77 27.97 -8.80
HG2 MSE A 219 0.60 28.71 -7.45
HG2 MSE A 219 -0.05 27.95 -7.49
HG3 MSE A 219 -0.57 27.68 -7.82
HG3 MSE A 219 -0.90 27.16 -8.56
HE1 MSE A 219 1.04 24.15 -7.06
HE1 MSE A 219 2.01 25.78 -5.44
HE2 MSE A 219 -0.31 24.83 -7.53
HE2 MSE A 219 2.80 25.86 -6.81
HE3 MSE A 219 1.00 24.99 -8.40
HE3 MSE A 219 2.01 27.13 -6.27
N ASP A 220 -0.39 30.72 -9.03
CA ASP A 220 -0.33 32.06 -8.47
C ASP A 220 0.64 32.15 -7.30
N GLU A 221 1.76 32.86 -7.49
CA GLU A 221 2.75 32.96 -6.43
C GLU A 221 2.21 33.73 -5.22
N PRO A 222 1.53 34.87 -5.40
CA PRO A 222 1.01 35.58 -4.21
C PRO A 222 0.09 34.72 -3.36
N SER A 223 -0.63 33.77 -3.96
CA SER A 223 -1.55 32.93 -3.19
C SER A 223 -0.81 31.98 -2.27
N LEU A 224 0.47 31.72 -2.51
CA LEU A 224 1.26 30.90 -1.59
C LEU A 224 1.39 31.56 -0.23
N GLU A 225 1.14 32.87 -0.13
CA GLU A 225 1.16 33.55 1.17
C GLU A 225 -0.04 33.21 2.02
N LYS A 226 -1.02 32.48 1.49
CA LYS A 226 -2.29 32.25 2.17
C LYS A 226 -2.43 30.79 2.57
N ASN A 227 -3.36 30.54 3.50
CA ASN A 227 -3.66 29.20 3.96
C ASN A 227 -4.86 28.65 3.19
N THR A 228 -5.26 27.42 3.54
CA THR A 228 -6.29 26.72 2.77
C THR A 228 -7.62 27.44 2.85
N SER A 229 -8.00 27.91 4.04
CA SER A 229 -9.28 28.59 4.20
C SER A 229 -9.36 29.83 3.31
N ASP A 230 -8.28 30.60 3.23
CA ASP A 230 -8.29 31.78 2.40
C ASP A 230 -8.35 31.42 0.91
N ILE A 231 -7.67 30.35 0.50
CA ILE A 231 -7.74 29.92 -0.89
C ILE A 231 -9.17 29.50 -1.25
N GLU A 232 -9.83 28.78 -0.35
CA GLU A 232 -11.19 28.34 -0.62
C GLU A 232 -12.15 29.51 -0.80
N SER A 233 -11.98 30.55 0.02
CA SER A 233 -12.81 31.74 -0.14
C SER A 233 -12.49 32.46 -1.46
N ALA A 234 -11.20 32.61 -1.77
CA ALA A 234 -10.81 33.29 -3.01
C ALA A 234 -11.41 32.57 -4.23
N PHE A 235 -11.36 31.24 -4.24
CA PHE A 235 -11.94 30.51 -5.37
C PHE A 235 -13.45 30.70 -5.41
N GLY A 236 -14.10 30.76 -4.24
CA GLY A 236 -15.53 31.02 -4.19
C GLY A 236 -15.89 32.38 -4.75
N ASP A 237 -14.95 33.32 -4.69
CA ASP A 237 -15.14 34.65 -5.26
C ASP A 237 -14.74 34.73 -6.72
N GLY A 238 -14.33 33.62 -7.33
CA GLY A 238 -14.00 33.60 -8.74
C GLY A 238 -12.58 33.98 -9.08
N ALA A 239 -11.66 33.86 -8.12
CA ALA A 239 -10.30 34.37 -8.32
C ALA A 239 -9.43 33.43 -9.16
N TYR A 240 -9.77 32.15 -9.25
CA TYR A 240 -8.88 31.17 -9.87
C TYR A 240 -9.64 30.36 -10.91
N ALA A 241 -8.92 29.98 -11.97
CA ALA A 241 -9.49 29.07 -12.96
C ALA A 241 -9.60 27.66 -12.41
N THR A 242 -8.66 27.25 -11.56
CA THR A 242 -8.67 25.91 -11.00
C THR A 242 -8.06 25.94 -9.60
N ALA A 243 -8.41 24.92 -8.81
CA ALA A 243 -7.81 24.72 -7.50
C ALA A 243 -8.11 23.29 -7.06
N PHE A 244 -7.16 22.68 -6.36
CA PHE A 244 -7.37 21.38 -5.74
C PHE A 244 -7.97 21.61 -4.35
N MSE A 245 -9.16 21.08 -4.13
CA MSE A 245 -9.86 21.27 -2.86
C MSE A 245 -10.70 20.05 -2.50
O MSE A 245 -11.03 19.23 -3.36
CB MSE A 245 -10.75 22.52 -2.92
CG MSE A 245 -10.01 23.82 -3.22
SE MSE A 245 -11.22 25.35 -3.39
CE MSE A 245 -12.15 24.81 -5.01
H MSE A 245 -9.60 20.59 -4.69
HA MSE A 245 -9.20 21.41 -2.16
HB2 MSE A 245 -11.41 22.39 -3.62
HB3 MSE A 245 -11.19 22.62 -2.06
HG2 MSE A 245 -9.39 24.00 -2.49
HG3 MSE A 245 -9.53 23.72 -4.06
HE1 MSE A 245 -12.84 25.46 -5.20
HE2 MSE A 245 -11.52 24.78 -5.74
HE3 MSE A 245 -12.56 23.95 -4.87
N GLY A 246 -11.05 19.93 -1.22
CA GLY A 246 -11.93 18.88 -0.77
C GLY A 246 -13.38 19.17 -1.09
N PRO A 247 -14.22 18.14 -0.94
CA PRO A 247 -15.63 18.27 -1.34
C PRO A 247 -16.42 19.25 -0.49
N TRP A 248 -15.97 19.54 0.73
CA TRP A 248 -16.75 20.40 1.62
C TRP A 248 -17.01 21.78 1.03
N VAL A 249 -16.17 22.24 0.11
CA VAL A 249 -16.35 23.59 -0.46
C VAL A 249 -17.69 23.69 -1.17
N ILE A 250 -18.23 22.57 -1.65
CA ILE A 250 -19.51 22.60 -2.36
C ILE A 250 -20.60 23.20 -1.47
N SER A 251 -20.54 22.90 -0.17
CA SER A 251 -21.52 23.46 0.76
C SER A 251 -21.45 24.98 0.76
N SER A 252 -20.24 25.52 0.92
CA SER A 252 -20.08 26.97 0.98
C SER A 252 -20.54 27.64 -0.31
N TYR A 253 -20.11 27.09 -1.45
CA TYR A 253 -20.43 27.74 -2.73
C TYR A 253 -21.93 27.64 -3.03
N THR A 254 -22.59 26.55 -2.63
CA THR A 254 -24.03 26.45 -2.80
C THR A 254 -24.75 27.50 -1.97
N LYS A 255 -24.35 27.66 -0.71
CA LYS A 255 -24.97 28.68 0.13
C LYS A 255 -24.66 30.08 -0.39
N ASN A 256 -23.48 30.29 -0.96
CA ASN A 256 -23.18 31.60 -1.55
C ASN A 256 -24.18 31.95 -2.64
N LYS A 257 -24.66 30.95 -3.39
CA LYS A 257 -25.70 31.22 -4.38
C LYS A 257 -27.03 31.48 -3.71
N GLU A 258 -27.43 30.63 -2.77
CA GLU A 258 -28.72 30.79 -2.10
C GLU A 258 -28.79 32.13 -1.37
N GLU A 259 -27.69 32.56 -0.77
CA GLU A 259 -27.67 33.71 0.13
C GLU A 259 -27.24 35.00 -0.56
N ASN A 260 -26.19 34.96 -1.40
CA ASN A 260 -25.63 36.16 -2.00
C ASN A 260 -25.88 36.27 -3.49
N GLY A 261 -26.52 35.28 -4.11
CA GLY A 261 -26.70 35.30 -5.55
C GLY A 261 -25.44 35.02 -6.35
N ASN A 262 -24.38 34.54 -5.70
CA ASN A 262 -23.14 34.19 -6.37
C ASN A 262 -23.31 32.81 -7.00
N ASP A 263 -23.47 32.77 -8.33
CA ASP A 263 -23.75 31.51 -9.04
C ASP A 263 -22.48 30.78 -9.45
N LEU A 264 -21.37 31.00 -8.73
CA LEU A 264 -20.14 30.25 -8.99
C LEU A 264 -20.41 28.76 -9.06
N ILE A 265 -21.22 28.25 -8.13
CA ILE A 265 -21.46 26.81 -8.04
C ILE A 265 -22.01 26.25 -9.35
N ASP A 266 -22.77 27.05 -10.10
CA ASP A 266 -23.41 26.58 -11.32
C ASP A 266 -22.49 26.63 -12.54
N LYS A 267 -21.32 27.24 -12.42
CA LYS A 267 -20.38 27.33 -13.53
C LYS A 267 -19.02 26.75 -13.16
N ILE A 268 -19.00 25.79 -12.25
CA ILE A 268 -17.77 25.05 -11.94
C ILE A 268 -18.02 23.56 -12.16
N GLY A 269 -16.93 22.86 -12.45
CA GLY A 269 -16.93 21.41 -12.47
C GLY A 269 -15.78 20.89 -11.64
N VAL A 270 -15.67 19.56 -11.62
CA VAL A 270 -14.59 18.90 -10.91
C VAL A 270 -14.17 17.67 -11.70
N THR A 271 -12.85 17.48 -11.83
CA THR A 271 -12.27 16.29 -12.42
C THR A 271 -11.34 15.65 -11.41
N MSE A 272 -10.97 14.41 -11.67
CA MSE A 272 -9.97 13.74 -10.85
C MSE A 272 -8.62 14.42 -11.05
O MSE A 272 -8.41 15.11 -12.05
CB MSE A 272 -9.90 12.26 -11.20
CG MSE A 272 -11.18 11.49 -10.91
SE MSE A 272 -10.95 9.56 -11.03
CE MSE A 272 -10.66 9.42 -12.95
H MSE A 272 -11.28 13.93 -12.31
HA MSE A 272 -10.23 13.78 -9.92
HB2 MSE A 272 -9.70 12.17 -12.15
HB3 MSE A 272 -9.18 11.86 -10.67
HG2 MSE A 272 -11.47 11.70 -10.01
HG3 MSE A 272 -11.85 11.76 -11.55
HE1 MSE A 272 -10.50 8.49 -13.18
HE2 MSE A 272 -11.44 9.74 -13.42
HE3 MSE A 272 -9.88 9.95 -13.20
N VAL A 273 -7.73 14.24 -10.09
CA VAL A 273 -6.38 14.81 -10.18
C VAL A 273 -5.69 14.23 -11.40
N PRO A 274 -4.78 14.98 -12.04
CA PRO A 274 -4.08 14.43 -13.20
C PRO A 274 -3.23 13.22 -12.84
N GLU A 275 -3.13 12.31 -13.80
CA GLU A 275 -2.33 11.11 -13.63
C GLU A 275 -0.85 11.42 -13.78
N GLY A 276 -0.03 10.79 -12.94
CA GLY A 276 1.41 10.92 -13.03
C GLY A 276 2.03 9.70 -13.69
N PRO A 277 3.36 9.67 -13.79
CA PRO A 277 4.01 8.51 -14.43
C PRO A 277 3.78 7.21 -13.69
N ALA A 278 3.35 7.24 -12.44
CA ALA A 278 3.07 6.04 -11.66
C ALA A 278 1.65 5.53 -11.89
N GLY A 279 0.84 6.24 -12.66
CA GLY A 279 -0.60 6.08 -12.63
C GLY A 279 -1.23 7.14 -11.76
N ARG A 280 -2.56 7.10 -11.68
CA ARG A 280 -3.27 8.08 -10.87
C ARG A 280 -3.26 7.66 -9.40
N TYR A 281 -2.93 8.60 -8.53
CA TYR A 281 -3.00 8.44 -7.08
C TYR A 281 -3.63 9.69 -6.50
N ALA A 282 -4.34 9.53 -5.39
CA ALA A 282 -5.01 10.65 -4.76
C ALA A 282 -4.79 10.59 -3.26
N PHE A 283 -4.91 11.75 -2.62
CA PHE A 283 -4.89 11.80 -1.16
C PHE A 283 -6.14 11.14 -0.61
N MSE A 284 -5.95 10.29 0.38
CA MSE A 284 -7.08 9.75 1.13
C MSE A 284 -6.99 10.21 2.58
O MSE A 284 -6.04 9.87 3.28
CB MSE A 284 -7.12 8.23 1.07
CG MSE A 284 -8.24 7.65 1.90
SE MSE A 284 -8.31 5.72 1.74
CE MSE A 284 -9.74 5.36 3.02
H MSE A 284 -5.19 9.99 0.65
HA MSE A 284 -7.90 10.06 0.72
HB2 MSE A 284 -7.24 7.96 0.15
HB3 MSE A 284 -6.28 7.88 1.41
HG2 MSE A 284 -8.11 7.87 2.84
HG3 MSE A 284 -9.09 8.01 1.60
HE1 MSE A 284 -9.91 4.40 3.04
HE2 MSE A 284 -9.46 5.65 3.89
HE3 MSE A 284 -10.54 5.82 2.75
N GLY A 285 -7.98 10.99 3.01
CA GLY A 285 -8.04 11.48 4.36
C GLY A 285 -9.37 11.11 5.00
N GLY A 286 -9.82 11.99 5.91
CA GLY A 286 -11.06 11.77 6.65
C GLY A 286 -10.80 11.82 8.14
N SER A 287 -11.83 11.44 8.90
CA SER A 287 -11.76 11.49 10.36
C SER A 287 -12.40 10.24 10.94
N ASN A 288 -11.92 9.88 12.13
CA ASN A 288 -12.47 8.78 12.91
C ASN A 288 -13.06 9.34 14.20
N LEU A 289 -13.75 8.46 14.93
CA LEU A 289 -14.31 8.81 16.23
C LEU A 289 -13.65 7.97 17.30
N VAL A 290 -13.37 8.58 18.44
CA VAL A 290 -12.75 7.90 19.56
C VAL A 290 -13.52 8.21 20.83
N ILE A 291 -13.39 7.31 21.80
CA ILE A 291 -13.99 7.47 23.13
C ILE A 291 -12.84 7.61 24.12
N PHE A 292 -12.84 8.69 24.90
CA PHE A 292 -11.81 8.88 25.90
C PHE A 292 -11.98 7.87 27.04
N ASN A 293 -10.85 7.33 27.49
CA ASN A 293 -10.89 6.39 28.61
C ASN A 293 -11.39 7.04 29.89
N SER A 294 -11.34 8.37 29.97
CA SER A 294 -11.84 9.10 31.13
C SER A 294 -13.35 9.28 31.12
N SER A 295 -14.02 8.91 30.03
CA SER A 295 -15.46 9.12 29.93
C SER A 295 -16.19 8.32 31.02
N LYS A 296 -17.21 8.96 31.59
CA LYS A 296 -18.09 8.30 32.54
C LYS A 296 -19.37 7.78 31.90
N ASN A 297 -19.42 7.78 30.56
CA ASN A 297 -20.61 7.33 29.83
C ASN A 297 -20.19 6.47 28.63
N LYS A 298 -19.29 5.52 28.87
CA LYS A 298 -18.71 4.75 27.78
C LYS A 298 -19.76 3.92 27.04
N ASP A 299 -20.76 3.40 27.76
CA ASP A 299 -21.82 2.64 27.11
C ASP A 299 -22.62 3.51 26.16
N GLU A 300 -23.07 4.67 26.64
CA GLU A 300 -23.83 5.57 25.79
C GLU A 300 -22.98 6.08 24.62
N ALA A 301 -21.71 6.39 24.88
CA ALA A 301 -20.84 6.87 23.81
C ALA A 301 -20.69 5.84 22.70
N LEU A 302 -20.56 4.55 23.06
CA LEU A 302 -20.45 3.52 22.04
C LEU A 302 -21.74 3.41 21.23
N GLU A 303 -22.89 3.60 21.87
CA GLU A 303 -24.15 3.59 21.14
C GLU A 303 -24.21 4.72 20.12
N LEU A 304 -23.67 5.89 20.48
CA LEU A 304 -23.65 7.01 19.53
C LEU A 304 -22.72 6.72 18.37
N LEU A 305 -21.52 6.21 18.65
CA LEU A 305 -20.61 5.81 17.58
C LEU A 305 -21.30 4.83 16.63
N LYS A 306 -22.02 3.85 17.17
CA LYS A 306 -22.69 2.89 16.31
C LYS A 306 -23.74 3.58 15.45
N PHE A 307 -24.44 4.56 16.02
CA PHE A 307 -25.41 5.31 15.22
C PHE A 307 -24.73 6.04 14.07
N PHE A 308 -23.58 6.66 14.32
CA PHE A 308 -22.90 7.38 13.25
C PHE A 308 -22.45 6.44 12.13
N ALA A 309 -22.30 5.15 12.42
CA ALA A 309 -21.99 4.16 11.40
C ALA A 309 -23.24 3.62 10.70
N SER A 310 -24.43 4.00 11.15
CA SER A 310 -25.65 3.50 10.51
C SER A 310 -25.78 4.07 9.10
N LYS A 311 -26.47 3.33 8.23
CA LYS A 311 -26.61 3.75 6.84
C LYS A 311 -27.18 5.16 6.74
N GLU A 312 -28.28 5.43 7.46
CA GLU A 312 -28.96 6.71 7.28
C GLU A 312 -28.13 7.86 7.85
N ALA A 313 -27.46 7.65 8.98
CA ALA A 313 -26.61 8.72 9.51
C ALA A 313 -25.44 9.01 8.58
N GLN A 314 -24.89 7.98 7.95
CA GLN A 314 -23.79 8.17 7.02
C GLN A 314 -24.23 8.98 5.80
N VAL A 315 -25.42 8.68 5.28
CA VAL A 315 -25.93 9.41 4.12
C VAL A 315 -26.23 10.85 4.48
N GLU A 316 -26.89 11.07 5.62
CA GLU A 316 -27.33 12.42 5.97
C GLU A 316 -26.14 13.32 6.29
N TYR A 317 -25.12 12.80 6.96
CA TYR A 317 -23.95 13.63 7.23
C TYR A 317 -23.16 13.91 5.97
N SER A 318 -23.17 12.97 5.01
CA SER A 318 -22.57 13.25 3.71
C SER A 318 -23.31 14.37 2.99
N LYS A 319 -24.64 14.34 3.05
CA LYS A 319 -25.43 15.33 2.32
C LYS A 319 -25.17 16.73 2.84
N VAL A 320 -25.00 16.88 4.16
CA VAL A 320 -24.82 18.21 4.73
C VAL A 320 -23.36 18.64 4.70
N SER A 321 -22.42 17.71 4.94
CA SER A 321 -21.01 18.07 5.03
C SER A 321 -20.25 17.87 3.72
N LYS A 322 -20.75 17.02 2.83
CA LYS A 322 -20.11 16.66 1.56
C LYS A 322 -18.93 15.72 1.76
N MSE A 323 -18.71 15.23 2.98
CA MSE A 323 -17.71 14.18 3.20
C MSE A 323 -18.26 12.86 2.67
O MSE A 323 -19.46 12.70 2.51
CB MSE A 323 -17.37 14.06 4.69
CG MSE A 323 -16.89 15.34 5.34
SE MSE A 323 -15.26 16.07 4.55
CE MSE A 323 -14.95 17.50 5.84
H MSE A 323 -19.12 15.47 3.69
HA MSE A 323 -16.89 14.41 2.76
HB2 MSE A 323 -18.17 13.77 5.16
HB3 MSE A 323 -16.68 13.39 4.79
HG2 MSE A 323 -17.59 16.01 5.26
HG3 MSE A 323 -16.72 15.17 6.28
HE1 MSE A 323 -14.14 17.98 5.60
HE2 MSE A 323 -15.71 18.10 5.84
HE3 MSE A 323 -14.85 17.11 6.73
N LEU A 324 -17.35 11.91 2.39
CA LEU A 324 -17.77 10.63 1.86
C LEU A 324 -17.96 9.61 2.99
N PRO A 325 -18.97 8.74 2.88
CA PRO A 325 -19.18 7.74 3.93
C PRO A 325 -18.07 6.70 3.95
N VAL A 326 -17.98 6.02 5.09
CA VAL A 326 -17.06 4.91 5.29
C VAL A 326 -17.78 3.57 5.37
N VAL A 327 -19.11 3.57 5.31
CA VAL A 327 -19.91 2.36 5.44
C VAL A 327 -20.47 2.00 4.06
N LYS A 328 -20.29 0.73 3.68
CA LYS A 328 -20.59 0.33 2.31
C LYS A 328 -22.06 0.52 1.97
N ALA A 329 -22.96 0.26 2.93
CA ALA A 329 -24.39 0.32 2.66
C ALA A 329 -24.84 1.74 2.29
N ALA A 330 -24.13 2.76 2.75
CA ALA A 330 -24.50 4.13 2.42
C ALA A 330 -24.45 4.37 0.92
N TYR A 331 -23.64 3.62 0.20
CA TYR A 331 -23.50 3.81 -1.23
C TYR A 331 -24.60 3.12 -2.04
N GLU A 332 -25.55 2.48 -1.36
CA GLU A 332 -26.80 2.09 -2.00
C GLU A 332 -27.69 3.30 -2.31
N ASP A 333 -27.40 4.46 -1.71
CA ASP A 333 -28.22 5.66 -1.86
C ASP A 333 -27.82 6.42 -3.12
N PRO A 334 -28.78 6.89 -3.91
CA PRO A 334 -28.43 7.55 -5.19
C PRO A 334 -27.70 8.88 -5.02
N TYR A 335 -27.60 9.41 -3.80
CA TYR A 335 -26.99 10.72 -3.63
C TYR A 335 -25.59 10.79 -4.23
N PHE A 336 -24.85 9.70 -4.17
CA PHE A 336 -23.45 9.70 -4.60
C PHE A 336 -23.30 9.56 -6.12
N GLU A 337 -24.41 9.55 -6.84
CA GLU A 337 -24.39 9.72 -8.29
C GLU A 337 -24.45 11.18 -8.70
N ASP A 338 -24.46 12.10 -7.74
CA ASP A 338 -24.40 13.53 -8.04
C ASP A 338 -23.13 13.84 -8.84
N SER A 339 -23.26 14.79 -9.78
CA SER A 339 -22.21 15.00 -10.77
C SER A 339 -20.88 15.35 -10.11
N LEU A 340 -20.92 16.11 -9.01
CA LEU A 340 -19.69 16.46 -8.32
C LEU A 340 -19.26 15.38 -7.33
N MSE A 341 -20.20 14.83 -6.56
CA MSE A 341 -19.85 13.86 -5.53
C MSE A 341 -19.32 12.56 -6.13
O MSE A 341 -18.44 11.93 -5.56
CB MSE A 341 -21.06 13.57 -4.64
CG MSE A 341 -21.49 14.76 -3.79
SE MSE A 341 -20.18 15.25 -2.42
CE MSE A 341 -20.33 13.64 -1.31
H MSE A 341 -21.04 14.99 -6.63
HA MSE A 341 -19.15 14.24 -4.97
HB2 MSE A 341 -21.81 13.32 -5.21
HB3 MSE A 341 -20.85 12.85 -4.04
HG2 MSE A 341 -21.63 15.53 -4.36
HG3 MSE A 341 -22.33 14.54 -3.34
HE1 MSE A 341 -19.73 13.73 -0.55
HE2 MSE A 341 -21.24 13.55 -1.01
HE3 MSE A 341 -20.07 12.88 -1.84
N LYS A 342 -19.84 12.18 -7.29
CA LYS A 342 -19.40 10.93 -7.91
C LYS A 342 -17.92 10.96 -8.24
N VAL A 343 -17.37 12.15 -8.53
CA VAL A 343 -15.95 12.26 -8.85
C VAL A 343 -15.10 11.98 -7.63
N PHE A 344 -15.46 12.57 -6.48
CA PHE A 344 -14.71 12.29 -5.25
C PHE A 344 -14.79 10.82 -4.88
N LYS A 345 -15.97 10.22 -5.02
CA LYS A 345 -16.13 8.81 -4.67
C LYS A 345 -15.24 7.94 -5.55
N GLU A 346 -15.35 8.08 -6.88
CA GLU A 346 -14.55 7.25 -7.76
C GLU A 346 -13.06 7.44 -7.49
N GLN A 347 -12.63 8.69 -7.24
CA GLN A 347 -11.22 8.95 -7.08
C GLN A 347 -10.67 8.29 -5.81
N VAL A 348 -11.32 8.52 -4.67
CA VAL A 348 -10.80 7.95 -3.43
C VAL A 348 -10.93 6.43 -3.45
N ASP A 349 -12.00 5.90 -4.05
CA ASP A 349 -12.18 4.45 -4.10
C ASP A 349 -11.08 3.80 -4.94
N LYS A 350 -10.86 4.31 -6.15
CA LYS A 350 -9.94 3.66 -7.08
C LYS A 350 -8.48 3.98 -6.78
N TYR A 351 -8.20 5.22 -6.35
CA TYR A 351 -6.85 5.74 -6.33
C TYR A 351 -6.44 6.36 -5.01
N GLY A 352 -7.29 6.33 -3.98
CA GLY A 352 -6.97 7.00 -2.74
C GLY A 352 -5.90 6.24 -1.96
N LYS A 353 -4.87 6.96 -1.53
CA LYS A 353 -3.80 6.39 -0.71
C LYS A 353 -3.73 7.18 0.60
N HIS A 354 -3.71 6.45 1.71
CA HIS A 354 -3.61 7.01 3.05
C HIS A 354 -2.20 6.79 3.59
N TYR A 355 -1.77 7.69 4.47
CA TYR A 355 -0.48 7.57 5.12
C TYR A 355 -0.43 6.35 6.02
N ALA A 356 0.78 5.90 6.34
CA ALA A 356 0.95 4.80 7.28
C ALA A 356 0.41 5.21 8.65
N SER A 357 -0.35 4.31 9.27
CA SER A 357 -1.05 4.61 10.52
C SER A 357 -0.13 4.32 11.72
N VAL A 358 0.94 5.09 11.81
CA VAL A 358 1.98 4.87 12.83
C VAL A 358 1.83 5.91 13.93
N PRO A 359 2.24 5.59 15.17
CA PRO A 359 2.03 6.55 16.27
C PRO A 359 2.73 7.87 16.06
N GLY A 360 3.86 7.89 15.34
CA GLY A 360 4.61 9.10 15.15
C GLY A 360 4.11 10.02 14.07
N TRP A 361 3.03 9.68 13.37
CA TRP A 361 2.66 10.48 12.21
C TRP A 361 2.14 11.85 12.60
N ALA A 362 1.43 11.95 13.73
CA ALA A 362 0.94 13.25 14.18
C ALA A 362 2.11 14.22 14.36
N SER A 363 3.16 13.78 15.07
CA SER A 363 4.34 14.63 15.22
C SER A 363 5.04 14.85 13.88
N ALA A 364 4.93 13.90 12.95
CA ALA A 364 5.50 14.09 11.63
C ALA A 364 4.79 15.21 10.88
N GLU A 365 3.47 15.29 11.00
CA GLU A 365 2.73 16.34 10.31
C GLU A 365 3.08 17.72 10.87
N VAL A 366 3.32 17.82 12.18
CA VAL A 366 3.78 19.09 12.74
C VAL A 366 5.04 19.55 12.03
N ILE A 367 5.96 18.63 11.79
CA ILE A 367 7.21 18.97 11.10
C ILE A 367 6.95 19.27 9.64
N PHE A 368 6.12 18.43 8.98
CA PHE A 368 5.77 18.67 7.59
C PHE A 368 5.22 20.07 7.37
N SER A 369 4.28 20.48 8.23
CA SER A 369 3.66 21.79 8.09
C SER A 369 4.69 22.91 8.11
N GLU A 370 5.69 22.79 9.01
CA GLU A 370 6.74 23.78 9.10
C GLU A 370 7.82 23.57 8.05
N GLY A 371 8.20 22.31 7.82
CA GLY A 371 9.33 22.03 6.95
C GLY A 371 9.03 22.21 5.49
N LEU A 372 7.91 21.64 5.02
CA LEU A 372 7.61 21.67 3.60
C LEU A 372 7.14 23.06 3.16
N SER A 373 6.56 23.83 4.08
CA SER A 373 6.22 25.21 3.74
C SER A 373 7.47 26.02 3.40
N LYS A 374 8.65 25.60 3.88
CA LYS A 374 9.88 26.29 3.51
C LYS A 374 10.18 26.16 2.03
N ILE A 375 9.68 25.12 1.37
CA ILE A 375 9.79 25.03 -0.08
C ILE A 375 9.07 26.20 -0.73
N TRP A 376 7.88 26.54 -0.23
CA TRP A 376 7.15 27.67 -0.78
C TRP A 376 7.86 28.99 -0.48
N ASP A 377 8.55 29.09 0.66
CA ASP A 377 9.36 30.28 0.92
C ASP A 377 10.51 30.38 -0.07
N ASN A 378 11.05 29.24 -0.51
CA ASN A 378 12.07 29.22 -1.56
C ASN A 378 11.49 29.70 -2.88
N VAL A 379 10.30 29.20 -3.24
CA VAL A 379 9.62 29.66 -4.44
C VAL A 379 9.34 31.15 -4.36
N MSE A 380 8.90 31.63 -3.21
CA MSE A 380 8.55 33.03 -3.05
C MSE A 380 9.77 33.92 -2.87
O MSE A 380 9.67 35.14 -2.80
CB MSE A 380 7.60 33.22 -1.86
CG MSE A 380 6.22 32.62 -2.08
SE MSE A 380 4.99 33.08 -0.65
CE MSE A 380 5.60 31.80 0.69
H MSE A 380 8.80 31.15 -2.49
HA MSE A 380 8.08 33.32 -3.85
HB2 MSE A 380 7.99 32.78 -1.09
HB3 MSE A 380 7.50 34.16 -1.69
HG2 MSE A 380 5.87 32.97 -2.91
HG3 MSE A 380 6.29 31.66 -2.12
HE1 MSE A 380 5.06 31.92 1.49
HE2 MSE A 380 5.47 30.91 0.35
HE3 MSE A 380 6.53 31.96 0.89
N GLU A 381 10.94 33.29 -2.79
CA GLU A 381 12.22 34.00 -2.68
C GLU A 381 12.23 34.92 -1.46
N VAL A 382 11.76 34.38 -0.34
CA VAL A 382 11.79 35.11 0.92
C VAL A 382 13.21 35.49 1.28
N ASP A 383 14.16 34.57 1.09
CA ASP A 383 15.56 34.79 1.40
C ASP A 383 16.39 34.20 0.26
N GLY A 384 16.61 35.00 -0.77
CA GLY A 384 17.43 34.62 -1.90
C GLY A 384 16.59 34.11 -3.07
N ALA A 385 17.19 34.19 -4.25
CA ALA A 385 16.53 33.71 -5.46
C ALA A 385 16.16 32.24 -5.31
N TYR A 386 15.13 31.83 -6.05
CA TYR A 386 14.74 30.43 -6.05
C TYR A 386 15.83 29.56 -6.65
N SER A 387 16.04 28.39 -6.05
CA SER A 387 16.91 27.38 -6.63
C SER A 387 16.37 26.01 -6.24
N TYR A 388 16.33 25.10 -7.22
CA TYR A 388 15.92 23.73 -6.94
C TYR A 388 16.82 23.08 -5.91
N ASP A 389 18.13 23.36 -5.97
CA ASP A 389 19.05 22.76 -5.01
C ASP A 389 18.65 23.07 -3.58
N LYS A 390 18.08 24.25 -3.32
CA LYS A 390 17.64 24.59 -1.96
C LYS A 390 16.41 23.78 -1.57
N THR A 391 15.54 23.47 -2.53
CA THR A 391 14.43 22.57 -2.26
C THR A 391 14.91 21.17 -1.91
N VAL A 392 15.92 20.68 -2.63
CA VAL A 392 16.46 19.36 -2.32
C VAL A 392 17.01 19.33 -0.90
N GLN A 393 17.70 20.40 -0.49
CA GLN A 393 18.26 20.44 0.86
C GLN A 393 17.16 20.47 1.91
N ILE A 394 16.08 21.20 1.64
CA ILE A 394 14.95 21.23 2.57
C ILE A 394 14.35 19.85 2.71
N VAL A 395 14.14 19.16 1.58
CA VAL A 395 13.54 17.83 1.61
C VAL A 395 14.44 16.85 2.32
N LYS A 396 15.75 16.91 2.08
CA LYS A 396 16.68 16.07 2.81
C LYS A 396 16.61 16.36 4.31
N ASP A 397 16.57 17.65 4.68
CA ASP A 397 16.53 18.01 6.09
C ASP A 397 15.23 17.55 6.73
N VAL A 398 14.09 17.77 6.07
CA VAL A 398 12.81 17.35 6.63
C VAL A 398 12.78 15.84 6.78
N GLU A 399 13.29 15.10 5.79
CA GLU A 399 13.34 13.66 5.90
C GLU A 399 14.13 13.22 7.13
N SER A 400 15.31 13.79 7.32
CA SER A 400 16.10 13.46 8.51
C SER A 400 15.27 13.67 9.78
N GLN A 401 14.53 14.78 9.87
CA GLN A 401 13.68 15.01 11.04
C GLN A 401 12.66 13.91 11.22
N ILE A 402 11.98 13.54 10.13
CA ILE A 402 10.97 12.48 10.21
C ILE A 402 11.61 11.17 10.63
N ASN A 403 12.82 10.91 10.15
CA ASN A 403 13.51 9.67 10.51
C ASN A 403 13.82 9.60 12.00
N GLN A 404 14.09 10.75 12.63
CA GLN A 404 14.32 10.77 14.07
C GLN A 404 13.03 10.47 14.83
N ILE A 405 11.90 10.96 14.30
CA ILE A 405 10.61 10.71 14.95
C ILE A 405 10.25 9.22 14.88
N LEU A 406 10.45 8.61 13.71
CA LEU A 406 10.17 7.19 13.55
C LEU A 406 11.28 6.36 14.18
N SER B 1 -9.74 -42.60 15.90
CA SER B 1 -9.16 -41.29 16.17
C SER B 1 -9.53 -40.31 15.06
N VAL B 2 -9.39 -39.02 15.35
CA VAL B 2 -9.64 -37.98 14.36
C VAL B 2 -8.42 -37.91 13.44
N LYS B 3 -8.61 -38.28 12.17
CA LYS B 3 -7.52 -38.34 11.20
C LYS B 3 -7.55 -37.09 10.33
N LEU B 4 -6.74 -36.10 10.68
CA LEU B 4 -6.59 -34.92 9.84
C LEU B 4 -5.67 -35.21 8.66
N THR B 5 -6.05 -34.73 7.49
CA THR B 5 -5.19 -34.78 6.31
C THR B 5 -4.91 -33.35 5.85
N MSE B 6 -3.71 -33.15 5.30
CA MSE B 6 -3.32 -31.84 4.82
C MSE B 6 -2.42 -31.95 3.60
O MSE B 6 -1.69 -32.93 3.44
CB MSE B 6 -2.64 -31.03 5.92
CG MSE B 6 -1.27 -31.54 6.33
SE MSE B 6 -0.42 -30.46 7.72
CE MSE B 6 -0.34 -28.75 6.79
H MSE B 6 -3.11 -33.76 5.20
HA MSE B 6 -4.13 -31.36 4.56
HB2 MSE B 6 -2.52 -30.12 5.62
HB3 MSE B 6 -3.20 -31.05 6.71
HG2 MSE B 6 -1.35 -32.45 6.67
HG3 MSE B 6 -0.69 -31.55 5.55
HE1 MSE B 6 0.10 -28.10 7.37
HE2 MSE B 6 0.17 -28.86 5.97
HE3 MSE B 6 -1.24 -28.46 6.59
N TRP B 7 -2.51 -30.96 2.72
CA TRP B 7 -1.62 -30.82 1.58
C TRP B 7 -0.55 -29.77 1.88
N ILE B 8 0.69 -30.08 1.48
CA ILE B 8 1.77 -29.10 1.48
C ILE B 8 2.42 -29.10 0.12
N MSE B 9 3.04 -27.98 -0.23
CA MSE B 9 3.88 -27.89 -1.41
C MSE B 9 5.31 -28.24 -0.96
O MSE B 9 5.59 -28.28 0.23
CB MSE B 9 3.79 -26.51 -2.04
CG MSE B 9 2.49 -26.27 -2.84
SE MSE B 9 0.93 -25.67 -1.82
CE MSE B 9 -0.04 -27.35 -1.62
H MSE B 9 2.97 -27.25 0.21
HA MSE B 9 3.60 -28.50 -2.10
HB2 MSE B 9 3.83 -25.85 -1.34
HB3 MSE B 9 4.53 -26.40 -2.66
HG2 MSE B 9 2.67 -25.60 -3.51
HG3 MSE B 9 2.25 -27.11 -3.26
HE1 MSE B 9 -0.98 -27.16 -1.43
HE2 MSE B 9 0.03 -27.85 -2.44
HE3 MSE B 9 0.34 -27.85 -0.88
N PRO B 10 6.21 -28.53 -1.92
CA PRO B 10 7.55 -29.02 -1.54
C PRO B 10 8.45 -27.96 -0.93
N ASN B 11 8.24 -27.65 0.36
CA ASN B 11 8.93 -26.52 0.98
C ASN B 11 10.32 -26.86 1.50
N SER B 12 10.70 -28.14 1.52
CA SER B 12 11.99 -28.55 2.08
C SER B 12 12.48 -29.79 1.33
N ASP B 13 13.71 -30.18 1.63
CA ASP B 13 14.39 -31.19 0.82
C ASP B 13 13.75 -32.56 0.97
N THR B 14 13.42 -32.96 2.20
CA THR B 14 12.66 -34.18 2.43
C THR B 14 11.30 -33.76 2.98
N PRO B 15 10.36 -33.36 2.10
CA PRO B 15 9.21 -32.60 2.57
C PRO B 15 8.32 -33.36 3.54
N ASP B 16 8.19 -34.68 3.38
CA ASP B 16 7.33 -35.44 4.27
C ASP B 16 7.95 -35.58 5.66
N GLN B 17 9.19 -36.05 5.74
CA GLN B 17 9.83 -36.19 7.05
C GLN B 17 9.99 -34.84 7.73
N ASP B 18 10.29 -33.79 6.96
CA ASP B 18 10.51 -32.48 7.56
C ASP B 18 9.23 -31.97 8.23
N LEU B 19 8.09 -32.11 7.56
CA LEU B 19 6.82 -31.72 8.15
C LEU B 19 6.45 -32.61 9.32
N LEU B 20 6.64 -33.92 9.18
CA LEU B 20 6.23 -34.85 10.22
C LEU B 20 7.02 -34.67 11.51
N LYS B 21 8.28 -34.25 11.41
CA LYS B 21 9.05 -33.98 12.63
C LYS B 21 8.54 -32.73 13.34
N VAL B 22 8.07 -31.73 12.58
CA VAL B 22 7.56 -30.50 13.18
C VAL B 22 6.21 -30.74 13.84
N VAL B 23 5.42 -31.68 13.31
CA VAL B 23 4.08 -31.91 13.83
C VAL B 23 4.04 -32.98 14.92
N LYS B 24 5.14 -33.72 15.13
CA LYS B 24 5.12 -34.76 16.16
C LYS B 24 4.79 -34.21 17.54
N PRO B 25 5.31 -33.07 17.98
CA PRO B 25 4.88 -32.54 19.28
C PRO B 25 3.38 -32.32 19.39
N PHE B 26 2.70 -32.02 18.28
CA PHE B 26 1.26 -31.80 18.32
C PHE B 26 0.52 -33.10 18.55
N THR B 27 0.88 -34.16 17.81
CA THR B 27 0.23 -35.44 18.00
C THR B 27 0.60 -36.07 19.34
N ASP B 28 1.81 -35.78 19.84
CA ASP B 28 2.18 -36.24 21.17
C ASP B 28 1.31 -35.58 22.25
N ALA B 29 0.98 -34.30 22.07
CA ALA B 29 0.15 -33.58 23.03
C ALA B 29 -1.32 -33.83 22.83
N ASN B 30 -1.73 -34.25 21.63
CA ASN B 30 -3.14 -34.52 21.31
C ASN B 30 -3.23 -35.94 20.75
N PRO B 31 -3.10 -36.95 21.60
CA PRO B 31 -3.00 -38.33 21.11
C PRO B 31 -4.21 -38.80 20.32
N HIS B 32 -5.37 -38.16 20.45
CA HIS B 32 -6.55 -38.57 19.71
C HIS B 32 -6.59 -38.01 18.29
N ILE B 33 -5.60 -37.21 17.90
CA ILE B 33 -5.52 -36.63 16.56
C ILE B 33 -4.27 -37.17 15.89
N THR B 34 -4.43 -37.65 14.65
CA THR B 34 -3.30 -37.96 13.79
C THR B 34 -3.28 -36.98 12.62
N VAL B 35 -2.09 -36.81 12.04
CA VAL B 35 -1.87 -35.83 10.97
C VAL B 35 -1.17 -36.53 9.82
N GLU B 36 -1.79 -36.48 8.64
CA GLU B 36 -1.26 -37.16 7.44
C GLU B 36 -1.05 -36.14 6.34
N PRO B 37 0.18 -35.68 6.11
CA PRO B 37 0.42 -34.75 5.00
C PRO B 37 0.66 -35.46 3.68
N THR B 38 0.28 -34.77 2.60
CA THR B 38 0.57 -35.21 1.24
C THR B 38 1.19 -34.04 0.49
N VAL B 39 2.28 -34.30 -0.22
CA VAL B 39 3.01 -33.25 -0.94
C VAL B 39 2.39 -33.09 -2.32
N VAL B 40 2.14 -31.84 -2.70
CA VAL B 40 1.57 -31.48 -3.99
C VAL B 40 2.53 -30.52 -4.67
N ASP B 41 2.86 -30.81 -5.92
CA ASP B 41 3.78 -29.95 -6.66
C ASP B 41 3.17 -28.58 -6.91
N TRP B 42 4.03 -27.55 -6.92
CA TRP B 42 3.56 -26.19 -7.16
C TRP B 42 2.82 -26.08 -8.50
N SER B 43 3.30 -26.80 -9.52
CA SER B 43 2.70 -26.69 -10.84
C SER B 43 1.26 -27.18 -10.86
N ALA B 44 0.89 -28.07 -9.93
CA ALA B 44 -0.45 -28.63 -9.88
C ALA B 44 -1.28 -28.10 -8.72
N ALA B 45 -0.70 -27.26 -7.86
CA ALA B 45 -1.35 -26.90 -6.61
C ALA B 45 -2.63 -26.10 -6.85
N LEU B 46 -2.56 -25.08 -7.71
CA LEU B 46 -3.72 -24.21 -7.89
C LEU B 46 -4.92 -25.01 -8.40
N THR B 47 -4.73 -25.77 -9.48
CA THR B 47 -5.85 -26.52 -10.05
C THR B 47 -6.31 -27.63 -9.12
N LYS B 48 -5.38 -28.25 -8.40
CA LYS B 48 -5.76 -29.31 -7.46
C LYS B 48 -6.57 -28.75 -6.31
N ILE B 49 -6.16 -27.60 -5.77
CA ILE B 49 -6.90 -26.98 -4.68
C ILE B 49 -8.28 -26.52 -5.16
N THR B 50 -8.34 -25.89 -6.34
CA THR B 50 -9.61 -25.41 -6.86
C THR B 50 -10.58 -26.57 -7.07
N ALA B 51 -10.12 -27.65 -7.70
CA ALA B 51 -10.99 -28.80 -7.90
C ALA B 51 -11.46 -29.38 -6.58
N ALA B 52 -10.57 -29.41 -5.58
CA ALA B 52 -10.94 -29.91 -4.26
C ALA B 52 -12.07 -29.07 -3.66
N ALA B 53 -12.05 -27.76 -3.89
CA ALA B 53 -13.08 -26.90 -3.34
C ALA B 53 -14.44 -27.14 -4.02
N THR B 54 -14.43 -27.35 -5.33
CA THR B 54 -15.69 -27.48 -6.06
C THR B 54 -16.31 -28.85 -5.89
N SER B 55 -15.50 -29.91 -5.89
CA SER B 55 -16.03 -31.26 -5.82
C SER B 55 -16.41 -31.68 -4.40
N GLY B 56 -15.83 -31.04 -3.39
CA GLY B 56 -16.04 -31.46 -2.02
C GLY B 56 -15.19 -32.63 -1.59
N GLU B 57 -14.29 -33.11 -2.45
CA GLU B 57 -13.34 -34.16 -2.10
C GLU B 57 -12.00 -33.46 -1.85
N ALA B 58 -11.66 -33.28 -0.58
CA ALA B 58 -10.55 -32.43 -0.22
C ALA B 58 -9.95 -32.93 1.08
N PRO B 59 -8.71 -32.56 1.39
CA PRO B 59 -8.20 -32.75 2.74
C PRO B 59 -8.88 -31.77 3.69
N ASP B 60 -8.58 -31.92 4.98
CA ASP B 60 -9.07 -30.95 5.94
C ASP B 60 -8.39 -29.60 5.74
N ILE B 61 -7.10 -29.62 5.42
CA ILE B 61 -6.26 -28.43 5.40
C ILE B 61 -5.38 -28.46 4.17
N THR B 62 -5.05 -27.28 3.66
CA THR B 62 -4.04 -27.21 2.62
C THR B 62 -3.24 -25.93 2.76
N GLN B 63 -1.94 -26.05 2.48
CA GLN B 63 -1.12 -24.89 2.20
C GLN B 63 -1.58 -24.23 0.92
N VAL B 64 -1.60 -22.90 0.91
CA VAL B 64 -1.90 -22.13 -0.28
C VAL B 64 -0.85 -21.04 -0.41
N GLY B 65 -0.37 -20.81 -1.62
CA GLY B 65 0.47 -19.66 -1.86
C GLY B 65 -0.22 -18.40 -1.37
N SER B 66 0.51 -17.52 -0.67
CA SER B 66 -0.11 -16.33 -0.11
C SER B 66 -0.89 -15.55 -1.15
N THR B 67 -0.38 -15.50 -2.38
CA THR B 67 -1.03 -14.69 -3.40
C THR B 67 -2.29 -15.33 -3.96
N TRP B 68 -2.58 -16.59 -3.61
CA TRP B 68 -3.79 -17.27 -4.04
C TRP B 68 -4.88 -17.32 -2.98
N THR B 69 -4.60 -16.88 -1.75
CA THR B 69 -5.52 -17.13 -0.65
C THR B 69 -6.88 -16.50 -0.91
N ALA B 70 -6.91 -15.24 -1.37
CA ALA B 70 -8.17 -14.59 -1.65
C ALA B 70 -8.91 -15.26 -2.80
N ALA B 71 -8.19 -15.77 -3.79
CA ALA B 71 -8.83 -16.46 -4.91
C ALA B 71 -9.59 -17.69 -4.43
N ILE B 72 -9.02 -18.44 -3.50
CA ILE B 72 -9.69 -19.63 -2.99
C ILE B 72 -10.76 -19.25 -1.97
N GLY B 73 -10.46 -18.27 -1.11
CA GLY B 73 -11.44 -17.85 -0.13
C GLY B 73 -12.67 -17.22 -0.75
N ALA B 74 -12.51 -16.57 -1.90
CA ALA B 74 -13.64 -15.97 -2.59
C ALA B 74 -14.49 -17.00 -3.32
N MSE B 75 -14.01 -18.23 -3.49
CA MSE B 75 -14.82 -19.30 -4.02
C MSE B 75 -15.91 -19.62 -3.00
O MSE B 75 -15.61 -20.07 -1.89
CB MSE B 75 -13.98 -20.53 -4.33
CG MSE B 75 -12.96 -20.30 -5.44
SE MSE B 75 -11.84 -21.87 -5.80
CE MSE B 75 -13.06 -22.88 -6.93
H MSE B 75 -13.19 -18.46 -3.30
HA MSE B 75 -15.22 -19.05 -4.87
HB2 MSE B 75 -13.50 -20.79 -3.53
HB3 MSE B 75 -14.57 -21.25 -4.62
HG2 MSE B 75 -13.43 -20.09 -6.26
HG3 MSE B 75 -12.38 -19.57 -5.18
HE1 MSE B 75 -12.63 -23.70 -7.20
HE2 MSE B 75 -13.88 -23.08 -6.43
HE3 MSE B 75 -13.27 -22.35 -7.72
N GLU B 76 -17.15 -19.36 -3.38
CA GLU B 76 -18.26 -19.46 -2.46
C GLU B 76 -18.35 -20.88 -1.88
N GLY B 77 -18.28 -20.97 -0.55
CA GLY B 77 -18.39 -22.23 0.14
C GLY B 77 -17.12 -23.05 0.22
N ALA B 78 -15.99 -22.53 -0.27
CA ALA B 78 -14.79 -23.36 -0.38
C ALA B 78 -14.10 -23.54 0.97
N LEU B 79 -13.95 -22.46 1.75
CA LEU B 79 -13.11 -22.47 2.93
C LEU B 79 -13.89 -22.01 4.16
N VAL B 80 -13.35 -22.39 5.32
CA VAL B 80 -13.86 -21.91 6.60
C VAL B 80 -13.34 -20.51 6.85
N GLU B 81 -14.24 -19.57 7.12
CA GLU B 81 -13.83 -18.22 7.49
C GLU B 81 -13.18 -18.25 8.87
N LEU B 82 -11.96 -17.72 8.96
CA LEU B 82 -11.19 -17.76 10.20
C LEU B 82 -11.30 -16.48 11.01
N THR B 83 -11.97 -15.45 10.50
CA THR B 83 -12.05 -14.16 11.18
C THR B 83 -12.46 -14.35 12.63
N GLY B 84 -11.63 -13.87 13.54
CA GLY B 84 -11.91 -13.94 14.96
C GLY B 84 -11.63 -15.26 15.63
N LYS B 85 -11.19 -16.27 14.87
CA LYS B 85 -10.89 -17.58 15.43
C LYS B 85 -9.40 -17.77 15.72
N ILE B 86 -8.56 -16.79 15.41
CA ILE B 86 -7.12 -16.90 15.61
C ILE B 86 -6.61 -15.61 16.23
N ASP B 87 -5.71 -15.74 17.21
CA ASP B 87 -5.09 -14.60 17.85
C ASP B 87 -4.11 -13.96 16.89
N THR B 88 -4.53 -12.90 16.21
CA THR B 88 -3.68 -12.24 15.22
C THR B 88 -2.60 -11.38 15.85
N SER B 89 -2.66 -11.11 17.15
CA SER B 89 -1.69 -10.24 17.79
C SER B 89 -0.28 -10.84 17.81
N ALA B 90 -0.17 -12.17 17.71
CA ALA B 90 1.13 -12.82 17.73
C ALA B 90 1.87 -12.76 16.40
N PHE B 91 1.18 -12.41 15.32
CA PHE B 91 1.77 -12.42 14.00
C PHE B 91 2.47 -11.11 13.70
N VAL B 92 3.50 -11.18 12.86
CA VAL B 92 4.01 -10.00 12.18
C VAL B 92 2.85 -9.46 11.36
N GLU B 93 2.35 -8.27 11.73
CA GLU B 93 1.06 -7.83 11.19
C GLU B 93 1.05 -7.77 9.67
N SER B 94 2.19 -7.45 9.04
CA SER B 94 2.22 -7.30 7.60
C SER B 94 1.90 -8.61 6.88
N THR B 95 2.08 -9.76 7.54
CA THR B 95 1.80 -11.04 6.90
C THR B 95 0.31 -11.32 6.80
N LEU B 96 -0.53 -10.54 7.49
CA LEU B 96 -1.96 -10.81 7.49
C LEU B 96 -2.66 -10.26 6.26
N GLN B 97 -2.01 -9.41 5.48
CA GLN B 97 -2.65 -8.83 4.30
C GLN B 97 -3.16 -9.91 3.36
N SER B 98 -2.34 -10.91 3.06
CA SER B 98 -2.69 -11.94 2.10
C SER B 98 -3.69 -12.95 2.66
N ALA B 99 -4.01 -12.88 3.94
CA ALA B 99 -4.98 -13.78 4.55
C ALA B 99 -6.41 -13.29 4.41
N TYR B 100 -6.61 -12.01 4.11
CA TYR B 100 -7.92 -11.43 3.94
C TYR B 100 -8.20 -11.22 2.46
N ILE B 101 -9.48 -11.25 2.11
CA ILE B 101 -9.91 -10.82 0.78
C ILE B 101 -9.91 -9.30 0.78
N LYS B 102 -9.14 -8.70 -0.13
CA LYS B 102 -9.06 -7.25 -0.20
C LYS B 102 -10.45 -6.65 -0.36
N GLY B 103 -10.69 -5.53 0.31
CA GLY B 103 -11.99 -4.90 0.29
C GLY B 103 -13.00 -5.51 1.22
N THR B 104 -12.65 -6.56 1.94
CA THR B 104 -13.52 -7.16 2.94
C THR B 104 -12.75 -7.29 4.25
N ASP B 105 -13.44 -7.71 5.30
CA ASP B 105 -12.81 -8.03 6.56
C ASP B 105 -12.85 -9.52 6.83
N LYS B 106 -12.85 -10.33 5.76
CA LYS B 106 -12.98 -11.78 5.86
C LYS B 106 -11.60 -12.42 5.77
N MSE B 107 -11.20 -13.12 6.83
CA MSE B 107 -9.93 -13.84 6.86
C MSE B 107 -10.19 -15.31 6.52
O MSE B 107 -10.94 -15.98 7.22
CB MSE B 107 -9.28 -13.71 8.22
CG MSE B 107 -7.92 -14.37 8.33
SE MSE B 107 -7.23 -14.16 10.15
CE MSE B 107 -6.76 -16.02 10.50
H MSE B 107 -11.65 -13.18 7.56
HA MSE B 107 -9.32 -13.47 6.20
HB2 MSE B 107 -9.17 -12.77 8.42
HB3 MSE B 107 -9.86 -14.12 8.88
HG2 MSE B 107 -7.99 -15.30 8.14
HG3 MSE B 107 -7.31 -13.94 7.72
HE1 MSE B 107 -6.08 -16.04 11.18
HE2 MSE B 107 -7.55 -16.49 10.80
HE3 MSE B 107 -6.43 -16.42 9.68
N PHE B 108 -9.59 -15.80 5.45
CA PHE B 108 -9.79 -17.17 5.03
C PHE B 108 -8.53 -18.02 5.09
N GLY B 109 -7.40 -17.45 5.50
CA GLY B 109 -6.19 -18.22 5.69
C GLY B 109 -5.44 -17.73 6.91
N MSE B 110 -4.52 -18.56 7.36
CA MSE B 110 -3.64 -18.19 8.46
C MSE B 110 -2.20 -18.17 7.94
O MSE B 110 -1.74 -19.18 7.41
CB MSE B 110 -3.75 -19.16 9.63
CG MSE B 110 -2.92 -18.75 10.83
SE MSE B 110 -2.54 -20.23 12.04
CE MSE B 110 -1.50 -21.35 10.83
H MSE B 110 -4.38 -19.35 7.06
HA MSE B 110 -3.88 -17.31 8.80
HB2 MSE B 110 -4.69 -19.19 9.91
HB3 MSE B 110 -3.47 -20.03 9.34
HG2 MSE B 110 -2.08 -18.39 10.51
HG3 MSE B 110 -3.41 -18.07 11.33
HE1 MSE B 110 -1.05 -22.04 11.34
HE2 MSE B 110 -2.09 -21.75 10.17
HE3 MSE B 110 -0.84 -20.80 10.37
N PRO B 111 -1.49 -17.05 8.09
CA PRO B 111 -0.09 -17.01 7.66
C PRO B 111 0.67 -18.17 8.28
N TRP B 112 1.48 -18.84 7.47
CA TRP B 112 2.26 -19.97 7.96
C TRP B 112 3.79 -19.60 7.88
N PHE B 113 4.26 -19.18 6.70
CA PHE B 113 5.67 -18.71 6.51
C PHE B 113 5.77 -17.63 5.37
N THR B 114 6.75 -16.73 5.40
CA THR B 114 6.96 -15.67 4.44
C THR B 114 8.31 -15.95 3.70
N GLU B 115 8.49 -15.45 2.48
CA GLU B 115 9.75 -15.47 1.78
C GLU B 115 9.88 -14.16 0.90
N THR B 116 11.08 -13.75 0.56
CA THR B 116 11.35 -12.71 -0.41
C THR B 116 12.55 -13.18 -1.23
N ARG B 117 12.80 -12.45 -2.26
CA ARG B 117 13.89 -12.76 -3.17
C ARG B 117 15.00 -11.75 -2.93
N ALA B 118 16.19 -12.25 -2.59
CA ALA B 118 17.34 -11.41 -2.28
C ALA B 118 18.46 -11.69 -3.27
N LEU B 119 19.47 -10.82 -3.24
CA LEU B 119 20.55 -10.84 -4.23
C LEU B 119 21.70 -11.68 -3.71
N PHE B 120 21.85 -12.89 -4.25
CA PHE B 120 23.01 -13.71 -3.98
C PHE B 120 24.17 -13.32 -4.90
N TYR B 121 25.39 -13.32 -4.37
CA TYR B 121 26.55 -12.93 -5.15
C TYR B 121 27.72 -13.84 -4.79
N ARG B 122 28.62 -14.01 -5.76
CA ARG B 122 29.84 -14.78 -5.54
C ARG B 122 30.93 -13.87 -5.00
N LYS B 123 31.40 -14.17 -3.79
CA LYS B 123 32.45 -13.38 -3.17
C LYS B 123 33.72 -13.39 -4.03
N ASP B 124 34.07 -14.55 -4.59
CA ASP B 124 35.31 -14.64 -5.35
C ASP B 124 35.23 -13.85 -6.64
N ALA B 125 34.09 -13.94 -7.34
CA ALA B 125 33.92 -13.12 -8.55
C ALA B 125 33.97 -11.63 -8.20
N CYS B 126 33.35 -11.22 -7.10
CA CYS B 126 33.37 -9.81 -6.73
C CYS B 126 34.79 -9.34 -6.48
N GLU B 127 35.61 -10.14 -5.78
CA GLU B 127 36.99 -9.77 -5.54
C GLU B 127 37.75 -9.58 -6.84
N LYS B 128 37.57 -10.51 -7.78
CA LYS B 128 38.32 -10.43 -9.04
C LYS B 128 37.89 -9.22 -9.85
N ALA B 129 36.60 -8.89 -9.83
CA ALA B 129 36.04 -7.84 -10.66
C ALA B 129 36.18 -6.45 -10.03
N GLY B 130 36.67 -6.35 -8.81
CA GLY B 130 36.75 -5.06 -8.14
C GLY B 130 35.41 -4.53 -7.68
N VAL B 131 34.51 -5.39 -7.26
CA VAL B 131 33.18 -5.01 -6.81
C VAL B 131 33.13 -5.19 -5.29
N ASN B 132 32.64 -4.16 -4.60
CA ASN B 132 32.41 -4.23 -3.17
C ASN B 132 30.96 -4.62 -2.95
N PRO B 133 30.66 -5.85 -2.53
CA PRO B 133 29.25 -6.27 -2.46
C PRO B 133 28.38 -5.47 -1.49
N GLU B 134 28.97 -4.83 -0.48
CA GLU B 134 28.18 -4.12 0.52
C GLU B 134 28.00 -2.64 0.18
N THR B 135 28.52 -2.18 -0.97
CA THR B 135 28.25 -0.80 -1.40
C THR B 135 27.84 -0.72 -2.87
N ASP B 136 28.36 -1.62 -3.70
CA ASP B 136 28.22 -1.49 -5.15
C ASP B 136 26.97 -2.14 -5.70
N PHE B 137 26.14 -2.76 -4.86
CA PHE B 137 24.83 -3.27 -5.27
C PHE B 137 23.69 -2.40 -4.71
N ALA B 138 24.01 -1.24 -4.15
CA ALA B 138 23.05 -0.53 -3.30
C ALA B 138 21.90 0.08 -4.09
N THR B 139 22.15 0.48 -5.34
CA THR B 139 21.15 1.14 -6.18
C THR B 139 21.11 0.48 -7.54
N TRP B 140 20.05 0.77 -8.30
CA TRP B 140 19.94 0.23 -9.65
C TRP B 140 21.19 0.52 -10.48
N ASP B 141 21.64 1.78 -10.48
CA ASP B 141 22.76 2.16 -11.34
C ASP B 141 24.05 1.49 -10.88
N LYS B 142 24.30 1.46 -9.57
CA LYS B 142 25.49 0.79 -9.06
C LYS B 142 25.45 -0.69 -9.37
N PHE B 143 24.28 -1.32 -9.19
CA PHE B 143 24.14 -2.75 -9.46
C PHE B 143 24.45 -3.08 -10.91
N LYS B 144 23.91 -2.29 -11.84
CA LYS B 144 24.16 -2.54 -13.26
C LYS B 144 25.63 -2.34 -13.60
N ASP B 145 26.25 -1.31 -13.03
CA ASP B 145 27.68 -1.09 -13.23
C ASP B 145 28.49 -2.24 -12.69
N ALA B 146 28.07 -2.80 -11.55
CA ALA B 146 28.78 -3.96 -11.00
C ALA B 146 28.67 -5.16 -11.93
N LEU B 147 27.50 -5.37 -12.54
CA LEU B 147 27.35 -6.47 -13.48
C LEU B 147 28.28 -6.32 -14.67
N LYS B 148 28.51 -5.08 -15.12
CA LYS B 148 29.44 -4.87 -16.23
C LYS B 148 30.84 -5.34 -15.87
N LYS B 149 31.24 -5.17 -14.61
CA LYS B 149 32.54 -5.64 -14.17
C LYS B 149 32.58 -7.15 -13.97
N LEU B 150 31.46 -7.74 -13.52
CA LEU B 150 31.42 -9.17 -13.21
C LEU B 150 31.26 -10.03 -14.45
N ASN B 151 30.68 -9.49 -15.52
CA ASN B 151 30.35 -10.30 -16.67
C ASN B 151 31.61 -10.87 -17.33
N GLY B 152 31.59 -12.19 -17.56
CA GLY B 152 32.68 -12.85 -18.23
C GLY B 152 33.83 -13.26 -17.33
N ILE B 153 33.79 -12.91 -16.03
CA ILE B 153 34.82 -13.37 -15.11
C ILE B 153 34.90 -14.88 -15.18
N GLU B 154 36.10 -15.40 -15.36
CA GLU B 154 36.32 -16.85 -15.47
C GLU B 154 36.76 -17.35 -14.09
N VAL B 155 36.04 -18.34 -13.57
CA VAL B 155 36.35 -18.87 -12.24
C VAL B 155 35.80 -20.29 -12.16
N ASP B 156 36.60 -21.19 -11.59
CA ASP B 156 36.21 -22.58 -11.38
C ASP B 156 35.79 -23.24 -12.68
N GLY B 157 36.50 -22.92 -13.77
CA GLY B 157 36.28 -23.56 -15.04
C GLY B 157 35.08 -23.08 -15.82
N LYS B 158 34.45 -21.98 -15.41
CA LYS B 158 33.27 -21.47 -16.10
C LYS B 158 33.45 -19.99 -16.39
N LYS B 159 32.97 -19.57 -17.54
CA LYS B 159 32.84 -18.15 -17.87
C LYS B 159 31.52 -17.68 -17.27
N LEU B 160 31.59 -16.85 -16.24
CA LEU B 160 30.39 -16.42 -15.54
C LEU B 160 29.59 -15.43 -16.38
N ALA B 161 28.28 -15.60 -16.37
CA ALA B 161 27.36 -14.53 -16.72
C ALA B 161 27.12 -13.71 -15.47
N ALA B 162 27.07 -12.40 -15.61
CA ALA B 162 26.96 -11.53 -14.44
C ALA B 162 25.70 -11.84 -13.64
N LEU B 163 24.57 -12.00 -14.32
CA LEU B 163 23.29 -12.26 -13.68
C LEU B 163 22.64 -13.45 -14.35
N GLY B 164 22.16 -14.40 -13.55
CA GLY B 164 21.47 -15.54 -14.09
C GLY B 164 20.05 -15.65 -13.55
N MSE B 165 19.06 -15.58 -14.43
CA MSE B 165 17.67 -15.64 -14.00
C MSE B 165 16.79 -16.44 -14.95
O MSE B 165 17.01 -16.45 -16.16
CB MSE B 165 17.10 -14.22 -13.88
CG MSE B 165 17.71 -13.43 -12.76
SE MSE B 165 17.23 -14.19 -11.05
CE MSE B 165 15.39 -13.55 -10.97
H MSE B 165 19.17 -15.49 -15.27
HA MSE B 165 17.64 -16.07 -13.13
HB2 MSE B 165 17.27 -13.75 -14.70
HB3 MSE B 165 16.15 -14.27 -13.72
HG2 MSE B 165 18.68 -13.44 -12.84
HG3 MSE B 165 17.39 -12.51 -12.78
HE1 MSE B 165 14.99 -13.85 -10.13
HE2 MSE B 165 15.38 -12.59 -11.01
HE3 MSE B 165 14.89 -13.94 -11.72
N PRO B 166 15.78 -17.12 -14.38
CA PRO B 166 14.83 -17.86 -15.22
C PRO B 166 13.82 -16.93 -15.87
N GLY B 167 13.15 -17.46 -16.90
CA GLY B 167 12.21 -16.65 -17.65
C GLY B 167 10.82 -17.23 -17.83
N LYS B 168 10.65 -18.55 -17.68
CA LYS B 168 9.41 -19.16 -18.12
C LYS B 168 8.97 -20.32 -17.24
N ASN B 169 7.68 -20.62 -17.35
CA ASN B 169 7.11 -21.95 -17.06
C ASN B 169 7.07 -22.29 -15.58
N ASP B 170 6.87 -21.28 -14.72
CA ASP B 170 6.48 -21.51 -13.34
C ASP B 170 5.83 -20.22 -12.83
N TRP B 171 5.44 -20.23 -11.56
CA TRP B 171 4.72 -19.08 -11.00
C TRP B 171 5.62 -17.86 -10.79
N ASN B 172 6.93 -18.01 -10.89
CA ASN B 172 7.84 -16.92 -10.54
C ASN B 172 8.03 -15.91 -11.67
N VAL B 173 7.40 -16.12 -12.83
CA VAL B 173 7.57 -15.18 -13.94
C VAL B 173 7.19 -13.77 -13.51
N VAL B 174 6.03 -13.62 -12.88
CA VAL B 174 5.61 -12.29 -12.45
C VAL B 174 6.39 -11.85 -11.21
N HIS B 175 6.68 -12.79 -10.29
CA HIS B 175 7.41 -12.44 -9.08
C HIS B 175 8.75 -11.80 -9.40
N ASN B 176 9.43 -12.27 -10.43
CA ASN B 176 10.75 -11.74 -10.77
C ASN B 176 10.69 -10.38 -11.44
N PHE B 177 9.52 -9.99 -11.97
CA PHE B 177 9.33 -8.62 -12.43
C PHE B 177 8.87 -7.68 -11.32
N SER B 178 8.25 -8.21 -10.26
CA SER B 178 7.46 -7.40 -9.35
C SER B 178 8.25 -6.21 -8.81
N TRP B 179 9.40 -6.48 -8.18
CA TRP B 179 10.12 -5.43 -7.46
C TRP B 179 10.86 -4.49 -8.40
N TRP B 180 11.06 -4.88 -9.66
CA TRP B 180 11.56 -3.92 -10.65
C TRP B 180 10.47 -2.91 -10.99
N ILE B 181 9.23 -3.38 -11.12
CA ILE B 181 8.12 -2.47 -11.33
C ILE B 181 7.95 -1.54 -10.13
N TYR B 182 8.02 -2.10 -8.92
CA TYR B 182 7.87 -1.29 -7.71
C TYR B 182 8.99 -0.26 -7.58
N GLY B 183 10.23 -0.69 -7.80
CA GLY B 183 11.36 0.20 -7.62
C GLY B 183 11.42 1.31 -8.64
N ALA B 184 10.80 1.12 -9.80
CA ALA B 184 10.68 2.16 -10.81
C ALA B 184 9.60 3.17 -10.46
N GLY B 185 8.71 2.85 -9.53
CA GLY B 185 7.61 3.70 -9.18
C GLY B 185 6.27 3.27 -9.74
N GLY B 186 6.13 2.00 -10.12
CA GLY B 186 4.90 1.47 -10.64
C GLY B 186 4.25 0.47 -9.70
N ASP B 187 3.13 -0.07 -10.14
CA ASP B 187 2.42 -1.13 -9.44
C ASP B 187 1.62 -1.93 -10.45
N PHE B 188 1.09 -3.06 -10.02
CA PHE B 188 0.32 -3.92 -10.91
C PHE B 188 -1.12 -3.46 -11.05
N VAL B 189 -1.70 -2.91 -9.98
CA VAL B 189 -3.10 -2.51 -9.96
C VAL B 189 -3.24 -1.22 -9.19
N ASN B 190 -4.42 -0.61 -9.29
CA ASN B 190 -4.71 0.62 -8.56
C ASN B 190 -4.91 0.30 -7.09
N GLU B 191 -5.13 1.35 -6.29
CA GLU B 191 -5.28 1.17 -4.85
C GLU B 191 -6.44 0.25 -4.51
N GLU B 192 -7.47 0.21 -5.36
CA GLU B 192 -8.62 -0.63 -5.10
C GLU B 192 -8.43 -2.07 -5.58
N GLY B 193 -7.46 -2.33 -6.44
CA GLY B 193 -7.25 -3.67 -6.94
C GLY B 193 -8.21 -4.09 -8.03
N THR B 194 -8.88 -3.14 -8.68
CA THR B 194 -9.89 -3.43 -9.68
C THR B 194 -9.45 -3.13 -11.11
N GLN B 195 -8.29 -2.50 -11.29
CA GLN B 195 -7.83 -2.03 -12.59
C GLN B 195 -6.33 -2.27 -12.70
N ALA B 196 -5.89 -2.87 -13.81
CA ALA B 196 -4.47 -3.06 -14.04
C ALA B 196 -3.81 -1.74 -14.39
N THR B 197 -2.60 -1.54 -13.86
CA THR B 197 -1.89 -0.28 -14.07
C THR B 197 -0.41 -0.47 -14.40
N PHE B 198 0.02 -1.67 -14.79
CA PHE B 198 1.44 -1.93 -15.04
C PHE B 198 1.87 -1.57 -16.47
N SER B 199 1.04 -0.82 -17.19
CA SER B 199 1.48 -0.15 -18.41
C SER B 199 1.76 1.33 -18.18
N SER B 200 1.84 1.76 -16.93
CA SER B 200 2.21 3.14 -16.63
C SER B 200 3.65 3.41 -17.06
N GLU B 201 3.96 4.70 -17.22
CA GLU B 201 5.32 5.10 -17.56
C GLU B 201 6.33 4.44 -16.62
N ASN B 202 6.05 4.47 -15.31
CA ASN B 202 7.03 3.94 -14.36
C ASN B 202 7.09 2.42 -14.39
N ALA B 203 5.94 1.74 -14.50
CA ALA B 203 5.97 0.29 -14.56
C ALA B 203 6.77 -0.18 -15.76
N LEU B 204 6.53 0.44 -16.93
CA LEU B 204 7.29 0.08 -18.12
C LEU B 204 8.78 0.42 -17.95
N LYS B 205 9.08 1.51 -17.23
CA LYS B 205 10.46 1.88 -16.98
C LYS B 205 11.20 0.77 -16.25
N GLY B 206 10.53 0.11 -15.30
CA GLY B 206 11.17 -0.97 -14.57
C GLY B 206 11.29 -2.23 -15.40
N ILE B 207 10.23 -2.58 -16.13
CA ILE B 207 10.28 -3.72 -17.05
C ILE B 207 11.41 -3.52 -18.07
N LYS B 208 11.58 -2.30 -18.56
CA LYS B 208 12.62 -2.02 -19.55
C LYS B 208 14.02 -2.12 -18.95
N PHE B 209 14.22 -1.55 -17.77
CA PHE B 209 15.54 -1.59 -17.15
C PHE B 209 15.98 -3.03 -16.89
N TYR B 210 15.07 -3.85 -16.35
CA TYR B 210 15.43 -5.23 -16.03
C TYR B 210 15.66 -6.06 -17.29
N SER B 211 14.70 -6.08 -18.20
CA SER B 211 14.81 -6.94 -19.38
C SER B 211 16.02 -6.56 -20.23
N GLU B 212 16.34 -5.26 -20.33
CA GLU B 212 17.46 -4.84 -21.19
C GLU B 212 18.82 -5.08 -20.55
N LEU B 213 18.89 -5.55 -19.30
CA LEU B 213 20.14 -6.10 -18.79
C LEU B 213 20.56 -7.32 -19.61
N ALA B 214 19.59 -8.10 -20.08
CA ALA B 214 19.89 -9.21 -20.97
C ALA B 214 20.27 -8.71 -22.35
N VAL B 215 19.52 -7.75 -22.90
CA VAL B 215 19.85 -7.22 -24.21
C VAL B 215 21.28 -6.71 -24.25
N GLU B 216 21.72 -6.08 -23.17
CA GLU B 216 23.04 -5.46 -23.13
C GLU B 216 24.12 -6.44 -22.66
N GLY B 217 23.81 -7.73 -22.57
CA GLY B 217 24.81 -8.76 -22.37
C GLY B 217 25.13 -9.11 -20.95
N LEU B 218 24.39 -8.57 -19.97
CA LEU B 218 24.71 -8.76 -18.56
C LEU B 218 23.93 -9.88 -17.91
N MSE B 219 22.76 -10.24 -18.43
CA MSE B 219 21.97 -11.34 -17.90
C MSE B 219 21.92 -12.45 -18.95
O MSE B 219 21.66 -12.20 -20.13
CB MSE B 219 20.57 -10.87 -17.53
CG MSE B 219 19.68 -11.92 -16.89
SE MSE B 219 18.05 -11.14 -16.10
CE MSE B 219 17.83 -9.69 -17.37
H MSE B 219 22.41 -9.84 -19.11
HA MSE B 219 22.37 -11.68 -17.09
HB2 MSE B 219 20.65 -10.13 -16.91
HB3 MSE B 219 20.12 -10.57 -18.35
HG2 MSE B 219 19.41 -12.57 -17.55
HG3 MSE B 219 20.18 -12.35 -16.16
HE1 MSE B 219 17.01 -9.20 -17.17
HE2 MSE B 219 18.59 -9.10 -17.32
HE3 MSE B 219 17.77 -10.07 -18.27
N ASP B 220 22.19 -13.68 -18.51
CA ASP B 220 22.35 -14.80 -19.44
C ASP B 220 21.07 -15.06 -20.22
N GLU B 221 21.21 -15.13 -21.55
CA GLU B 221 20.01 -15.23 -22.39
C GLU B 221 19.48 -16.65 -22.45
N PRO B 222 20.33 -17.67 -22.66
CA PRO B 222 19.81 -19.05 -22.67
C PRO B 222 19.05 -19.42 -21.40
N SER B 223 19.46 -18.89 -20.25
CA SER B 223 18.75 -19.19 -19.01
C SER B 223 17.33 -18.65 -18.99
N LEU B 224 17.03 -17.62 -19.79
CA LEU B 224 15.68 -17.07 -19.82
C LEU B 224 14.68 -18.03 -20.43
N GLU B 225 15.14 -19.06 -21.15
CA GLU B 225 14.25 -20.10 -21.66
C GLU B 225 13.80 -21.07 -20.58
N LYS B 226 14.47 -21.08 -19.43
CA LYS B 226 14.30 -22.14 -18.44
C LYS B 226 13.55 -21.62 -17.23
N ASN B 227 13.24 -22.56 -16.33
CA ASN B 227 12.43 -22.28 -15.15
C ASN B 227 13.33 -22.07 -13.93
N THR B 228 12.70 -21.79 -12.79
CA THR B 228 13.45 -21.42 -11.59
C THR B 228 14.30 -22.57 -11.09
N SER B 229 13.76 -23.78 -11.07
CA SER B 229 14.52 -24.94 -10.63
C SER B 229 15.79 -25.11 -11.45
N ASP B 230 15.70 -24.93 -12.76
CA ASP B 230 16.86 -25.05 -13.64
C ASP B 230 17.95 -24.05 -13.25
N ILE B 231 17.56 -22.77 -13.11
CA ILE B 231 18.57 -21.73 -12.92
C ILE B 231 19.12 -21.77 -11.50
N GLU B 232 18.33 -22.22 -10.53
CA GLU B 232 18.87 -22.45 -9.19
C GLU B 232 19.95 -23.52 -9.21
N SER B 233 19.72 -24.60 -9.96
CA SER B 233 20.75 -25.64 -10.06
C SER B 233 22.00 -25.11 -10.75
N ALA B 234 21.82 -24.28 -11.79
CA ALA B 234 22.97 -23.72 -12.49
C ALA B 234 23.78 -22.79 -11.59
N PHE B 235 23.09 -21.93 -10.82
CA PHE B 235 23.83 -21.06 -9.90
C PHE B 235 24.59 -21.89 -8.87
N GLY B 236 23.98 -22.97 -8.38
CA GLY B 236 24.63 -23.83 -7.41
C GLY B 236 25.81 -24.58 -7.98
N ASP B 237 25.91 -24.69 -9.30
CA ASP B 237 27.06 -25.30 -9.95
C ASP B 237 28.00 -24.26 -10.54
N GLY B 238 27.83 -22.99 -10.18
CA GLY B 238 28.83 -21.97 -10.43
C GLY B 238 28.70 -21.18 -11.70
N ALA B 239 27.52 -21.15 -12.32
CA ALA B 239 27.38 -20.57 -13.65
C ALA B 239 27.27 -19.05 -13.64
N TYR B 240 26.86 -18.41 -12.54
CA TYR B 240 26.60 -16.98 -12.54
C TYR B 240 27.24 -16.28 -11.37
N ALA B 241 27.54 -14.99 -11.55
CA ALA B 241 28.09 -14.18 -10.47
C ALA B 241 27.01 -13.75 -9.49
N THR B 242 25.77 -13.54 -9.96
CA THR B 242 24.68 -13.09 -9.11
C THR B 242 23.38 -13.72 -9.57
N ALA B 243 22.38 -13.68 -8.69
CA ALA B 243 21.03 -14.14 -8.97
C ALA B 243 20.13 -13.72 -7.81
N PHE B 244 18.88 -13.39 -8.13
CA PHE B 244 17.86 -13.11 -7.13
C PHE B 244 17.08 -14.40 -6.85
N MSE B 245 17.17 -14.89 -5.63
CA MSE B 245 16.53 -16.16 -5.29
C MSE B 245 15.95 -16.13 -3.87
O MSE B 245 16.28 -15.27 -3.06
CB MSE B 245 17.54 -17.31 -5.41
CG MSE B 245 18.09 -17.50 -6.83
SE MSE B 245 19.49 -18.85 -6.92
CE MSE B 245 20.83 -17.99 -5.79
H MSE B 245 17.58 -14.52 -4.98
HA MSE B 245 15.81 -16.32 -5.91
HB2 MSE B 245 18.29 -17.13 -4.83
HB3 MSE B 245 17.11 -18.14 -5.15
HG2 MSE B 245 17.36 -17.78 -7.42
HG3 MSE B 245 18.46 -16.66 -7.14
HE1 MSE B 245 21.65 -18.51 -5.80
HE2 MSE B 245 21.01 -17.10 -6.14
HE3 MSE B 245 20.49 -17.92 -4.89
N GLY B 246 15.05 -17.10 -3.61
CA GLY B 246 14.46 -17.23 -2.31
C GLY B 246 15.39 -17.91 -1.33
N PRO B 247 15.06 -17.80 -0.04
CA PRO B 247 15.96 -18.32 0.99
C PRO B 247 16.10 -19.83 0.97
N TRP B 248 15.18 -20.55 0.35
CA TRP B 248 15.24 -22.01 0.35
C TRP B 248 16.52 -22.52 -0.31
N VAL B 249 17.15 -21.73 -1.18
CA VAL B 249 18.35 -22.22 -1.84
C VAL B 249 19.49 -22.39 -0.84
N ILE B 250 19.40 -21.75 0.33
CA ILE B 250 20.38 -21.98 1.38
C ILE B 250 20.44 -23.46 1.73
N SER B 251 19.28 -24.10 1.86
CA SER B 251 19.25 -25.52 2.19
C SER B 251 19.76 -26.36 1.03
N SER B 252 19.30 -26.06 -0.19
CA SER B 252 19.71 -26.83 -1.36
C SER B 252 21.22 -26.82 -1.52
N TYR B 253 21.84 -25.63 -1.44
CA TYR B 253 23.27 -25.51 -1.64
C TYR B 253 24.05 -26.06 -0.44
N THR B 254 23.52 -25.90 0.77
CA THR B 254 24.16 -26.51 1.93
C THR B 254 24.22 -28.02 1.78
N LYS B 255 23.14 -28.63 1.28
CA LYS B 255 23.16 -30.08 1.08
C LYS B 255 24.09 -30.48 -0.06
N ASN B 256 24.22 -29.65 -1.09
CA ASN B 256 25.20 -29.94 -2.14
C ASN B 256 26.61 -30.00 -1.57
N LYS B 257 26.92 -29.15 -0.59
CA LYS B 257 28.23 -29.21 0.04
C LYS B 257 28.37 -30.45 0.91
N GLU B 258 27.41 -30.66 1.81
CA GLU B 258 27.56 -31.70 2.83
C GLU B 258 27.54 -33.10 2.24
N GLU B 259 26.83 -33.29 1.12
CA GLU B 259 26.71 -34.60 0.51
C GLU B 259 27.62 -34.79 -0.70
N ASN B 260 27.89 -33.72 -1.46
CA ASN B 260 28.63 -33.84 -2.70
C ASN B 260 29.95 -33.08 -2.71
N GLY B 261 30.29 -32.37 -1.63
CA GLY B 261 31.53 -31.61 -1.62
C GLY B 261 31.51 -30.36 -2.49
N ASN B 262 30.34 -29.92 -2.91
CA ASN B 262 30.20 -28.71 -3.71
C ASN B 262 30.26 -27.50 -2.77
N ASP B 263 31.35 -26.73 -2.83
CA ASP B 263 31.59 -25.66 -1.88
C ASP B 263 31.00 -24.32 -2.32
N LEU B 264 30.07 -24.33 -3.27
CA LEU B 264 29.49 -23.08 -3.77
C LEU B 264 28.91 -22.26 -2.62
N ILE B 265 28.20 -22.91 -1.70
CA ILE B 265 27.56 -22.19 -0.59
C ILE B 265 28.59 -21.42 0.22
N ASP B 266 29.84 -21.89 0.25
CA ASP B 266 30.89 -21.19 0.99
C ASP B 266 31.45 -20.01 0.24
N LYS B 267 31.10 -19.85 -1.04
CA LYS B 267 31.67 -18.81 -1.89
C LYS B 267 30.69 -17.67 -2.15
N ILE B 268 29.53 -17.66 -1.50
CA ILE B 268 28.51 -16.67 -1.81
C ILE B 268 28.09 -15.92 -0.55
N GLY B 269 27.61 -14.68 -0.79
CA GLY B 269 26.89 -13.94 0.22
C GLY B 269 25.56 -13.49 -0.34
N VAL B 270 24.82 -12.72 0.47
CA VAL B 270 23.50 -12.25 0.08
C VAL B 270 23.31 -10.84 0.61
N THR B 271 22.71 -9.98 -0.21
CA THR B 271 22.38 -8.62 0.19
C THR B 271 20.98 -8.29 -0.34
N MSE B 272 20.46 -7.15 0.09
CA MSE B 272 19.11 -6.76 -0.31
C MSE B 272 19.07 -6.34 -1.78
O MSE B 272 20.10 -5.99 -2.36
CB MSE B 272 18.62 -5.62 0.57
CG MSE B 272 18.43 -6.03 2.02
SE MSE B 272 17.52 -4.64 3.02
CE MSE B 272 18.83 -3.21 2.78
H MSE B 272 20.85 -6.59 0.61
HA MSE B 272 18.52 -7.52 -0.20
HB2 MSE B 272 19.26 -4.90 0.55
HB3 MSE B 272 17.76 -5.32 0.23
HG2 MSE B 272 17.90 -6.84 2.06
HG3 MSE B 272 19.30 -6.18 2.42
HE1 MSE B 272 18.54 -2.43 3.28
HE2 MSE B 272 19.69 -3.51 3.11
HE3 MSE B 272 18.90 -2.99 1.83
N VAL B 273 17.88 -6.40 -2.37
CA VAL B 273 17.70 -5.99 -3.76
C VAL B 273 18.13 -4.54 -3.91
N PRO B 274 18.68 -4.15 -5.06
CA PRO B 274 19.13 -2.76 -5.22
C PRO B 274 17.96 -1.79 -5.08
N GLU B 275 18.26 -0.61 -4.56
CA GLU B 275 17.26 0.43 -4.40
C GLU B 275 17.02 1.16 -5.71
N GLY B 276 15.74 1.25 -6.11
CA GLY B 276 15.37 1.95 -7.30
C GLY B 276 15.01 3.41 -7.04
N PRO B 277 14.64 4.13 -8.10
CA PRO B 277 14.29 5.55 -7.94
C PRO B 277 13.06 5.79 -7.08
N ALA B 278 12.24 4.76 -6.85
CA ALA B 278 11.05 4.91 -6.02
C ALA B 278 11.36 4.73 -4.54
N GLY B 279 12.59 4.33 -4.20
CA GLY B 279 12.88 3.73 -2.91
C GLY B 279 13.04 2.23 -3.09
N ARG B 280 13.40 1.57 -2.00
CA ARG B 280 13.62 0.13 -2.04
C ARG B 280 12.32 -0.61 -1.80
N TYR B 281 11.98 -1.51 -2.73
CA TYR B 281 10.84 -2.40 -2.61
C TYR B 281 11.29 -3.82 -2.92
N ALA B 282 10.62 -4.79 -2.29
CA ALA B 282 10.97 -6.20 -2.49
C ALA B 282 9.70 -7.03 -2.62
N PHE B 283 9.84 -8.19 -3.23
CA PHE B 283 8.74 -9.13 -3.34
C PHE B 283 8.44 -9.74 -1.97
N MSE B 284 7.17 -9.73 -1.59
CA MSE B 284 6.74 -10.42 -0.38
C MSE B 284 5.84 -11.58 -0.78
O MSE B 284 4.72 -11.39 -1.26
CB MSE B 284 5.98 -9.47 0.55
CG MSE B 284 5.40 -10.17 1.77
SE MSE B 284 4.65 -8.91 3.04
CE MSE B 284 6.16 -8.68 4.26
H MSE B 284 6.54 -9.32 -2.01
HA MSE B 284 7.51 -10.73 0.11
HB2 MSE B 284 6.59 -8.78 0.86
HB3 MSE B 284 5.25 -9.06 0.07
HG2 MSE B 284 4.70 -10.77 1.48
HG3 MSE B 284 6.11 -10.66 2.21
HE1 MSE B 284 5.84 -8.33 5.09
HE2 MSE B 284 6.58 -9.54 4.39
HE3 MSE B 284 6.79 -8.06 3.85
N GLY B 285 6.35 -12.79 -0.57
CA GLY B 285 5.57 -13.98 -0.81
C GLY B 285 5.35 -14.77 0.47
N GLY B 286 5.21 -16.08 0.33
CA GLY B 286 4.97 -16.96 1.46
C GLY B 286 3.74 -17.80 1.23
N SER B 287 3.34 -18.52 2.27
CA SER B 287 2.21 -19.43 2.17
C SER B 287 1.38 -19.34 3.43
N ASN B 288 0.08 -19.50 3.27
CA ASN B 288 -0.87 -19.56 4.36
C ASN B 288 -1.44 -20.97 4.46
N LEU B 289 -2.15 -21.23 5.54
CA LEU B 289 -2.88 -22.47 5.75
C LEU B 289 -4.37 -22.18 5.79
N VAL B 290 -5.16 -23.04 5.14
CA VAL B 290 -6.61 -22.88 5.10
C VAL B 290 -7.27 -24.20 5.48
N ILE B 291 -8.53 -24.10 5.93
CA ILE B 291 -9.35 -25.25 6.28
C ILE B 291 -10.49 -25.31 5.28
N PHE B 292 -10.63 -26.45 4.58
CA PHE B 292 -11.73 -26.63 3.66
C PHE B 292 -13.06 -26.68 4.40
N ASN B 293 -14.07 -26.04 3.82
CA ASN B 293 -15.41 -26.07 4.41
C ASN B 293 -15.99 -27.48 4.43
N SER B 294 -15.48 -28.37 3.58
CA SER B 294 -15.96 -29.75 3.54
C SER B 294 -15.45 -30.59 4.71
N SER B 295 -14.50 -30.08 5.48
CA SER B 295 -13.91 -30.86 6.57
C SER B 295 -14.96 -31.23 7.61
N LYS B 296 -14.86 -32.45 8.13
CA LYS B 296 -15.71 -32.92 9.21
C LYS B 296 -15.05 -32.79 10.57
N ASN B 297 -13.82 -32.28 10.62
CA ASN B 297 -13.01 -32.17 11.83
C ASN B 297 -12.52 -30.74 12.00
N LYS B 298 -13.43 -29.77 11.89
CA LYS B 298 -13.01 -28.39 11.80
C LYS B 298 -12.39 -27.89 13.10
N ASP B 299 -12.92 -28.34 14.24
CA ASP B 299 -12.36 -27.92 15.52
C ASP B 299 -10.92 -28.42 15.68
N GLU B 300 -10.67 -29.67 15.29
CA GLU B 300 -9.32 -30.21 15.39
C GLU B 300 -8.41 -29.62 14.32
N ALA B 301 -8.95 -29.32 13.14
CA ALA B 301 -8.17 -28.66 12.11
C ALA B 301 -7.72 -27.27 12.57
N LEU B 302 -8.58 -26.57 13.30
CA LEU B 302 -8.19 -25.25 13.81
C LEU B 302 -7.12 -25.37 14.88
N GLU B 303 -7.19 -26.41 15.71
CA GLU B 303 -6.16 -26.61 16.73
C GLU B 303 -4.80 -26.87 16.10
N LEU B 304 -4.79 -27.59 14.98
CA LEU B 304 -3.52 -27.85 14.28
C LEU B 304 -2.99 -26.57 13.64
N LEU B 305 -3.86 -25.76 13.04
CA LEU B 305 -3.41 -24.48 12.51
C LEU B 305 -2.78 -23.61 13.60
N LYS B 306 -3.43 -23.55 14.77
CA LYS B 306 -2.85 -22.78 15.86
C LYS B 306 -1.49 -23.35 16.27
N PHE B 307 -1.32 -24.67 16.19
CA PHE B 307 -0.04 -25.27 16.52
C PHE B 307 1.05 -24.80 15.57
N PHE B 308 0.76 -24.77 14.26
CA PHE B 308 1.75 -24.33 13.29
C PHE B 308 2.13 -22.87 13.48
N ALA B 309 1.32 -22.10 14.21
CA ALA B 309 1.65 -20.73 14.56
C ALA B 309 2.32 -20.62 15.93
N SER B 310 2.51 -21.72 16.64
CA SER B 310 3.23 -21.66 17.91
C SER B 310 4.70 -21.36 17.67
N LYS B 311 5.35 -20.77 18.67
CA LYS B 311 6.75 -20.40 18.51
C LYS B 311 7.59 -21.60 18.10
N GLU B 312 7.42 -22.72 18.80
CA GLU B 312 8.27 -23.88 18.57
C GLU B 312 8.11 -24.41 17.15
N ALA B 313 6.87 -24.53 16.68
CA ALA B 313 6.64 -25.03 15.33
C ALA B 313 7.14 -24.03 14.29
N GLN B 314 6.97 -22.74 14.55
CA GLN B 314 7.46 -21.72 13.63
C GLN B 314 8.98 -21.77 13.51
N VAL B 315 9.67 -21.83 14.65
CA VAL B 315 11.12 -21.88 14.63
C VAL B 315 11.60 -23.13 13.93
N GLU B 316 11.00 -24.28 14.26
CA GLU B 316 11.52 -25.55 13.75
C GLU B 316 11.25 -25.70 12.25
N TYR B 317 10.07 -25.33 11.78
CA TYR B 317 9.81 -25.47 10.35
C TYR B 317 10.63 -24.48 9.53
N SER B 318 10.88 -23.28 10.08
CA SER B 318 11.70 -22.30 9.38
C SER B 318 13.16 -22.70 9.34
N LYS B 319 13.66 -23.37 10.39
CA LYS B 319 15.06 -23.80 10.38
C LYS B 319 15.29 -24.89 9.35
N VAL B 320 14.32 -25.78 9.15
CA VAL B 320 14.50 -26.86 8.19
C VAL B 320 14.26 -26.37 6.77
N SER B 321 13.26 -25.53 6.56
CA SER B 321 12.88 -25.09 5.23
C SER B 321 13.59 -23.82 4.78
N LYS B 322 14.09 -23.01 5.73
CA LYS B 322 14.67 -21.70 5.50
C LYS B 322 13.64 -20.66 5.10
N MSE B 323 12.35 -20.94 5.26
CA MSE B 323 11.32 -19.95 5.07
C MSE B 323 11.28 -19.07 6.32
O MSE B 323 11.72 -19.49 7.39
CB MSE B 323 9.96 -20.61 4.81
CG MSE B 323 9.93 -21.56 3.62
SE MSE B 323 10.30 -20.71 1.91
CE MSE B 323 9.88 -22.21 0.72
H MSE B 323 12.06 -21.73 5.49
HA MSE B 323 11.49 -19.41 4.28
HB2 MSE B 323 9.70 -21.10 5.60
HB3 MSE B 323 9.31 -19.90 4.64
HG2 MSE B 323 10.61 -22.25 3.76
HG3 MSE B 323 9.06 -21.97 3.57
HE1 MSE B 323 10.11 -21.96 -0.19
HE2 MSE B 323 10.39 -22.98 1.00
HE3 MSE B 323 8.93 -22.39 0.78
N LEU B 324 10.75 -17.86 6.19
CA LEU B 324 10.77 -16.93 7.31
C LEU B 324 9.55 -17.14 8.20
N PRO B 325 9.71 -17.09 9.53
CA PRO B 325 8.54 -17.18 10.40
C PRO B 325 7.61 -15.99 10.22
N VAL B 326 6.33 -16.22 10.50
CA VAL B 326 5.33 -15.17 10.47
C VAL B 326 4.93 -14.72 11.89
N VAL B 327 5.50 -15.34 12.92
CA VAL B 327 5.15 -15.06 14.31
C VAL B 327 6.32 -14.33 14.96
N LYS B 328 6.03 -13.18 15.58
CA LYS B 328 7.08 -12.32 16.11
C LYS B 328 7.98 -13.06 17.09
N ALA B 329 7.41 -13.93 17.92
CA ALA B 329 8.17 -14.61 18.95
C ALA B 329 9.23 -15.55 18.38
N ALA B 330 9.04 -16.05 17.15
CA ALA B 330 10.04 -16.95 16.58
C ALA B 330 11.39 -16.28 16.43
N TYR B 331 11.42 -14.96 16.28
CA TYR B 331 12.67 -14.24 16.08
C TYR B 331 13.43 -14.00 17.38
N GLU B 332 12.93 -14.52 18.50
CA GLU B 332 13.74 -14.65 19.70
C GLU B 332 14.88 -15.64 19.50
N ASP B 333 14.79 -16.49 18.48
CA ASP B 333 15.84 -17.46 18.21
C ASP B 333 16.95 -16.79 17.40
N PRO B 334 18.22 -16.90 17.82
CA PRO B 334 19.27 -16.14 17.12
C PRO B 334 19.53 -16.62 15.70
N TYR B 335 19.11 -17.83 15.33
CA TYR B 335 19.43 -18.35 14.02
C TYR B 335 18.93 -17.43 12.92
N PHE B 336 17.73 -16.88 13.09
CA PHE B 336 17.17 -16.01 12.06
C PHE B 336 17.89 -14.67 12.01
N GLU B 337 18.77 -14.38 12.95
CA GLU B 337 19.59 -13.18 12.93
C GLU B 337 21.04 -13.43 12.53
N ASP B 338 21.62 -14.56 12.90
CA ASP B 338 23.04 -14.81 12.67
C ASP B 338 23.31 -15.63 11.42
N SER B 339 22.28 -16.01 10.67
CA SER B 339 22.43 -16.79 9.46
C SER B 339 22.16 -15.92 8.24
N LEU B 340 22.26 -16.54 7.06
CA LEU B 340 21.96 -15.83 5.82
C LEU B 340 20.50 -15.45 5.71
N MSE B 341 19.64 -15.95 6.59
CA MSE B 341 18.23 -15.60 6.55
C MSE B 341 18.00 -14.16 7.04
O MSE B 341 16.94 -13.59 6.82
CB MSE B 341 17.41 -16.58 7.40
CG MSE B 341 17.22 -17.96 6.78
SE MSE B 341 16.35 -19.20 8.02
CE MSE B 341 14.56 -18.42 8.00
H MSE B 341 19.85 -16.50 7.21
HA MSE B 341 17.91 -15.67 5.63
HB2 MSE B 341 17.87 -16.70 8.25
HB3 MSE B 341 16.53 -16.20 7.55
HG2 MSE B 341 16.67 -17.88 5.98
HG3 MSE B 341 18.09 -18.32 6.54
HE1 MSE B 341 13.97 -18.99 8.51
HE2 MSE B 341 14.60 -17.53 8.40
HE3 MSE B 341 14.25 -18.36 7.09
N LYS B 342 19.01 -13.58 7.70
CA LYS B 342 18.84 -12.27 8.31
C LYS B 342 18.53 -11.19 7.27
N VAL B 343 19.14 -11.30 6.09
CA VAL B 343 18.90 -10.31 5.04
C VAL B 343 17.48 -10.41 4.51
N PHE B 344 16.94 -11.63 4.43
CA PHE B 344 15.56 -11.81 3.98
C PHE B 344 14.58 -11.20 4.97
N LYS B 345 14.82 -11.38 6.27
CA LYS B 345 13.94 -10.82 7.28
C LYS B 345 13.94 -9.30 7.23
N GLU B 346 15.12 -8.69 7.22
CA GLU B 346 15.20 -7.23 7.15
C GLU B 346 14.53 -6.70 5.89
N GLN B 347 14.76 -7.36 4.76
CA GLN B 347 14.22 -6.86 3.50
C GLN B 347 12.71 -6.93 3.48
N VAL B 348 12.14 -8.06 3.89
CA VAL B 348 10.69 -8.21 3.81
C VAL B 348 10.01 -7.31 4.84
N ASP B 349 10.63 -7.16 6.01
CA ASP B 349 10.05 -6.31 7.06
C ASP B 349 9.98 -4.86 6.62
N LYS B 350 11.11 -4.32 6.14
CA LYS B 350 11.20 -2.90 5.84
C LYS B 350 10.57 -2.57 4.48
N TYR B 351 10.73 -3.45 3.50
CA TYR B 351 10.47 -3.10 2.11
C TYR B 351 9.56 -4.08 1.38
N GLY B 352 9.05 -5.10 2.05
CA GLY B 352 8.27 -6.12 1.37
C GLY B 352 6.90 -5.60 0.98
N LYS B 353 6.53 -5.84 -0.28
CA LYS B 353 5.23 -5.45 -0.82
C LYS B 353 4.56 -6.68 -1.40
N HIS B 354 3.35 -6.97 -0.93
CA HIS B 354 2.57 -8.10 -1.41
C HIS B 354 1.54 -7.64 -2.42
N TYR B 355 1.20 -8.52 -3.36
CA TYR B 355 0.17 -8.22 -4.34
C TYR B 355 -1.17 -7.94 -3.66
N ALA B 356 -2.02 -7.19 -4.36
CA ALA B 356 -3.40 -7.03 -3.91
C ALA B 356 -4.04 -8.40 -3.75
N SER B 357 -4.65 -8.61 -2.57
CA SER B 357 -5.23 -9.91 -2.23
C SER B 357 -6.66 -9.97 -2.77
N VAL B 358 -6.76 -10.09 -4.08
CA VAL B 358 -8.05 -10.02 -4.79
C VAL B 358 -8.43 -11.38 -5.37
N PRO B 359 -9.74 -11.66 -5.51
CA PRO B 359 -10.15 -13.00 -5.95
C PRO B 359 -9.58 -13.42 -7.29
N GLY B 360 -9.32 -12.47 -8.18
CA GLY B 360 -8.82 -12.82 -9.49
C GLY B 360 -7.32 -12.98 -9.60
N TRP B 361 -6.57 -12.87 -8.49
CA TRP B 361 -5.12 -12.80 -8.64
C TRP B 361 -4.53 -14.14 -9.09
N ALA B 362 -5.08 -15.27 -8.60
CA ALA B 362 -4.56 -16.56 -9.02
C ALA B 362 -4.66 -16.72 -10.54
N SER B 363 -5.79 -16.32 -11.12
CA SER B 363 -5.93 -16.32 -12.57
C SER B 363 -4.97 -15.33 -13.21
N ALA B 364 -4.74 -14.18 -12.57
CA ALA B 364 -3.78 -13.23 -13.09
C ALA B 364 -2.41 -13.87 -13.24
N GLU B 365 -2.01 -14.69 -12.27
CA GLU B 365 -0.68 -15.31 -12.35
C GLU B 365 -0.57 -16.31 -13.49
N VAL B 366 -1.65 -17.03 -13.79
CA VAL B 366 -1.65 -17.90 -14.98
C VAL B 366 -1.42 -17.05 -16.23
N ILE B 367 -2.14 -15.94 -16.34
CA ILE B 367 -1.98 -15.03 -17.48
C ILE B 367 -0.56 -14.45 -17.50
N PHE B 368 -0.05 -14.03 -16.34
CA PHE B 368 1.28 -13.45 -16.29
C PHE B 368 2.34 -14.46 -16.74
N SER B 369 2.22 -15.71 -16.29
CA SER B 369 3.23 -16.71 -16.61
C SER B 369 3.31 -16.95 -18.11
N GLU B 370 2.16 -17.03 -18.77
CA GLU B 370 2.15 -17.25 -20.21
C GLU B 370 2.49 -15.98 -20.97
N GLY B 371 2.04 -14.83 -20.47
CA GLY B 371 2.16 -13.57 -21.19
C GLY B 371 3.49 -12.87 -21.06
N LEU B 372 3.92 -12.58 -19.82
CA LEU B 372 5.16 -11.85 -19.63
C LEU B 372 6.36 -12.65 -20.11
N SER B 373 6.24 -13.98 -20.13
CA SER B 373 7.33 -14.81 -20.64
C SER B 373 7.63 -14.51 -22.11
N LYS B 374 6.66 -13.95 -22.84
CA LYS B 374 6.91 -13.57 -24.23
C LYS B 374 7.85 -12.38 -24.34
N ILE B 375 8.01 -11.60 -23.26
CA ILE B 375 9.02 -10.55 -23.24
C ILE B 375 10.40 -11.16 -23.45
N TRP B 376 10.64 -12.33 -22.86
CA TRP B 376 11.95 -12.96 -23.00
C TRP B 376 12.14 -13.53 -24.40
N ASP B 377 11.07 -14.03 -25.04
CA ASP B 377 11.17 -14.41 -26.45
C ASP B 377 11.61 -13.24 -27.30
N ASN B 378 11.15 -12.03 -26.97
CA ASN B 378 11.57 -10.83 -27.68
C ASN B 378 13.04 -10.54 -27.42
N VAL B 379 13.47 -10.61 -26.15
CA VAL B 379 14.87 -10.38 -25.80
C VAL B 379 15.77 -11.37 -26.53
N MSE B 380 15.36 -12.63 -26.60
CA MSE B 380 16.18 -13.67 -27.22
C MSE B 380 16.03 -13.70 -28.74
O MSE B 380 16.63 -14.54 -29.41
CB MSE B 380 15.80 -15.04 -26.65
CG MSE B 380 16.03 -15.14 -25.16
SE MSE B 380 15.50 -16.89 -24.49
CE MSE B 380 13.60 -16.79 -24.90
H MSE B 380 14.62 -12.91 -26.27
HA MSE B 380 17.10 -13.49 -27.01
HB2 MSE B 380 14.85 -15.19 -26.81
HB3 MSE B 380 16.33 -15.71 -27.09
HG2 MSE B 380 16.97 -15.02 -24.97
HG3 MSE B 380 15.51 -14.47 -24.71
HE1 MSE B 380 13.14 -17.54 -24.49
HE2 MSE B 380 13.24 -15.97 -24.55
HE3 MSE B 380 13.48 -16.84 -25.87
N GLU B 381 15.20 -12.80 -29.26
CA GLU B 381 15.10 -12.57 -30.70
C GLU B 381 14.69 -13.84 -31.45
N VAL B 382 13.67 -14.52 -30.90
CA VAL B 382 13.19 -15.76 -31.48
C VAL B 382 12.62 -15.51 -32.88
N ASP B 383 11.85 -14.44 -33.05
CA ASP B 383 11.16 -14.16 -34.30
C ASP B 383 11.75 -13.00 -35.08
N GLY B 384 12.68 -12.26 -34.50
CA GLY B 384 13.26 -11.11 -35.13
C GLY B 384 14.03 -10.29 -34.12
N ALA B 385 14.57 -9.17 -34.59
CA ALA B 385 15.41 -8.33 -33.74
C ALA B 385 14.64 -7.85 -32.52
N TYR B 386 15.34 -7.74 -31.39
CA TYR B 386 14.73 -7.22 -30.18
C TYR B 386 14.29 -5.77 -30.39
N SER B 387 13.12 -5.43 -29.87
CA SER B 387 12.69 -4.04 -29.77
C SER B 387 11.91 -3.85 -28.49
N TYR B 388 12.17 -2.74 -27.80
CA TYR B 388 11.37 -2.41 -26.63
C TYR B 388 9.91 -2.23 -27.00
N ASP B 389 9.63 -1.76 -28.22
CA ASP B 389 8.25 -1.64 -28.67
C ASP B 389 7.49 -2.96 -28.56
N LYS B 390 8.16 -4.07 -28.91
CA LYS B 390 7.50 -5.37 -28.80
C LYS B 390 7.13 -5.69 -27.36
N THR B 391 8.00 -5.32 -26.40
CA THR B 391 7.68 -5.48 -25.00
C THR B 391 6.49 -4.62 -24.59
N VAL B 392 6.44 -3.37 -25.07
CA VAL B 392 5.32 -2.50 -24.74
C VAL B 392 4.00 -3.11 -25.21
N GLN B 393 4.00 -3.68 -26.43
CA GLN B 393 2.76 -4.27 -26.95
C GLN B 393 2.35 -5.48 -26.12
N ILE B 394 3.32 -6.31 -25.73
CA ILE B 394 3.02 -7.48 -24.91
C ILE B 394 2.42 -7.06 -23.58
N VAL B 395 3.01 -6.05 -22.94
CA VAL B 395 2.49 -5.57 -21.66
C VAL B 395 1.09 -5.00 -21.85
N LYS B 396 0.88 -4.23 -22.92
CA LYS B 396 -0.45 -3.71 -23.22
C LYS B 396 -1.46 -4.84 -23.40
N ASP B 397 -1.06 -5.89 -24.12
CA ASP B 397 -1.94 -7.04 -24.32
C ASP B 397 -2.28 -7.70 -22.99
N VAL B 398 -1.26 -8.02 -22.19
CA VAL B 398 -1.50 -8.68 -20.91
C VAL B 398 -2.31 -7.79 -19.99
N GLU B 399 -2.04 -6.48 -20.01
CA GLU B 399 -2.84 -5.55 -19.23
C GLU B 399 -4.34 -5.71 -19.53
N SER B 400 -4.68 -5.82 -20.82
CA SER B 400 -6.07 -6.01 -21.20
C SER B 400 -6.61 -7.34 -20.68
N GLN B 401 -5.79 -8.39 -20.72
CA GLN B 401 -6.19 -9.69 -20.19
C GLN B 401 -6.46 -9.60 -18.69
N ILE B 402 -5.58 -8.94 -17.95
CA ILE B 402 -5.74 -8.82 -16.51
C ILE B 402 -6.98 -8.00 -16.18
N ASN B 403 -7.24 -6.95 -16.96
CA ASN B 403 -8.43 -6.14 -16.70
C ASN B 403 -9.69 -6.97 -16.89
N GLN B 404 -9.70 -7.89 -17.85
CA GLN B 404 -10.86 -8.75 -18.04
C GLN B 404 -11.10 -9.64 -16.82
N ILE B 405 -10.03 -10.22 -16.26
CA ILE B 405 -10.18 -11.05 -15.07
C ILE B 405 -10.72 -10.21 -13.91
N LEU B 406 -10.06 -9.09 -13.64
CA LEU B 406 -10.44 -8.26 -12.50
C LEU B 406 -11.90 -7.82 -12.60
N GLN B 407 -12.38 -7.55 -13.82
CA GLN B 407 -13.75 -7.13 -14.03
C GLN B 407 -14.73 -8.29 -13.84
C2 BGC C . -14.24 22.83 6.23
C3 BGC C . -13.05 22.18 6.83
C4 BGC C . -11.75 22.59 6.19
C5 BGC C . -11.65 24.10 5.95
C6 BGC C . -10.49 24.36 5.04
C1 BGC C . -14.08 24.34 6.13
O1 BGC C . -15.17 24.89 5.54
O2 BGC C . -15.41 22.55 7.02
O3 BGC C . -13.22 20.74 6.67
O4 BGC C . -10.62 22.25 7.04
O5 BGC C . -12.86 24.67 5.33
O6 BGC C . -10.36 25.77 4.89
H2 BGC C . -14.37 22.46 5.34
H3 BGC C . -12.99 22.41 7.77
H4 BGC C . -11.71 22.10 5.35
H5 BGC C . -11.52 24.53 6.80
H61 BGC C . -9.69 24.01 5.44
H62 BGC C . -10.64 23.95 4.18
H1 BGC C . -14.01 24.72 7.02
HO1 BGC C . -15.31 25.66 5.85
HO2 BGC C . -16.06 22.36 6.50
HO3 BGC C . -13.81 20.47 7.22
HO6 BGC C . -9.55 26.00 5.06
C2 BGC C . -8.60 21.02 7.33
C3 BGC C . -7.86 19.76 6.98
C4 BGC C . -8.75 18.56 7.01
C5 BGC C . -9.99 18.78 6.14
C6 BGC C . -10.93 17.61 6.23
C1 BGC C . -9.87 21.20 6.51
O2 BGC C . -7.74 22.16 7.11
O3 BGC C . -6.78 19.59 7.94
O4 BGC C . -8.04 17.41 6.49
O5 BGC C . -10.73 19.99 6.54
O6 BGC C . -11.44 17.50 7.54
H2 BGC C . -8.84 20.99 8.27
H3 BGC C . -7.49 19.85 6.09
H4 BGC C . -9.00 18.39 7.94
H5 BGC C . -9.69 18.84 5.22
H61 BGC C . -11.65 17.73 5.61
H62 BGC C . -10.44 16.80 6.02
H1 BGC C . -9.60 21.43 5.61
HO2 BGC C . -7.48 22.46 7.86
HO3 BGC C . -6.48 20.34 8.18
HO6 BGC C . -12.12 16.97 7.52
C2 BGC C . -7.66 15.08 6.85
C3 BGC C . -7.25 14.07 7.88
C4 BGC C . -6.03 14.47 8.65
C5 BGC C . -6.15 15.88 9.19
C6 BGC C . -4.87 16.30 9.85
C1 BGC C . -7.78 16.46 7.47
O2 BGC C . -8.93 14.69 6.29
O3 BGC C . -6.99 12.81 7.20
O4 BGC C . -5.87 13.57 9.77
O5 BGC C . -6.50 16.84 8.13
O6 BGC C . -3.87 16.42 8.87
H2 BGC C . -7.00 15.10 6.14
H3 BGC C . -7.98 13.95 8.50
H4 BGC C . -5.25 14.42 8.07
H5 BGC C . -6.85 15.90 9.88
H61 BGC C . -4.60 15.64 10.50
H62 BGC C . -4.99 17.16 10.28
H1 BGC C . -8.52 16.46 8.09
HO2 BGC C . -8.82 14.50 5.47
HO3 BGC C . -7.37 12.18 7.61
HO4 BGC C . -5.04 13.46 9.91
HO6 BGC C . -3.12 16.60 9.24
C2 BGC D . 12.01 -25.24 -2.76
C3 BGC D . 10.75 -24.71 -3.35
C4 BGC D . 10.94 -23.82 -4.54
C5 BGC D . 11.90 -24.46 -5.56
C6 BGC D . 12.23 -23.44 -6.60
C1 BGC D . 12.92 -25.87 -3.82
O1 BGC D . 14.12 -26.17 -3.24
O2 BGC D . 11.67 -26.24 -1.78
O3 BGC D . 10.08 -23.94 -2.31
O4 BGC D . 9.66 -23.63 -5.23
O5 BGC D . 13.15 -24.93 -4.95
O6 BGC D . 12.94 -24.07 -7.65
H2 BGC D . 12.48 -24.50 -2.35
H3 BGC D . 10.19 -25.46 -3.64
H4 BGC D . 11.28 -22.98 -4.23
H5 BGC D . 11.45 -25.21 -5.96
H61 BGC D . 11.42 -23.05 -6.94
H62 BGC D . 12.79 -22.74 -6.21
H1 BGC D . 12.50 -26.68 -4.13
HO1 BGC D . 14.43 -26.87 -3.61
HO2 BGC D . 12.23 -26.19 -1.13
HO3 BGC D . 9.52 -24.45 -1.90
HO6 BGC D . 13.62 -23.61 -7.85
C2 BGC D . 8.06 -22.07 -6.11
C3 BGC D . 7.46 -20.71 -5.91
C4 BGC D . 7.10 -20.42 -4.49
C5 BGC D . 8.33 -20.64 -3.61
C6 BGC D . 7.98 -20.48 -2.16
C1 BGC D . 9.26 -22.30 -5.19
O2 BGC D . 8.50 -22.18 -7.46
O3 BGC D . 6.25 -20.60 -6.72
O4 BGC D . 6.70 -19.03 -4.35
O5 BGC D . 8.91 -21.99 -3.78
O6 BGC D . 7.07 -21.47 -1.76
H2 BGC D . 7.39 -22.74 -5.91
H3 BGC D . 8.10 -20.05 -6.21
H4 BGC D . 6.37 -20.98 -4.22
H5 BGC D . 8.98 -19.97 -3.85
H61 BGC D . 8.78 -20.55 -1.63
H62 BGC D . 7.58 -19.61 -2.03
H1 BGC D . 9.98 -21.75 -5.51
HO2 BGC D . 7.95 -22.66 -7.90
HO3 BGC D . 6.46 -20.44 -7.52
HO6 BGC D . 7.03 -21.49 -0.92
C2 BGC D . 5.15 -17.57 -3.27
C3 BGC D . 3.70 -17.34 -2.99
C4 BGC D . 2.87 -17.45 -4.24
C5 BGC D . 3.14 -18.75 -4.99
C6 BGC D . 2.38 -18.77 -6.28
C1 BGC D . 5.37 -18.88 -4.02
O2 BGC D . 5.86 -17.61 -2.01
O3 BGC D . 3.53 -16.02 -2.42
O4 BGC D . 1.49 -17.40 -3.87
O5 BGC D . 4.58 -18.90 -5.29
O6 BGC D . 2.80 -17.70 -7.08
H2 BGC D . 5.50 -16.84 -3.80
H3 BGC D . 3.40 -18.01 -2.34
H4 BGC D . 3.09 -16.70 -4.82
H5 BGC D . 2.83 -19.48 -4.43
H61 BGC D . 1.42 -18.67 -6.10
H62 BGC D . 2.54 -19.60 -6.75
H1 BGC D . 5.10 -19.61 -3.44
HO2 BGC D . 6.43 -16.99 -2.00
HO3 BGC D . 4.23 -15.56 -2.56
HO4 BGC D . 1.07 -16.89 -4.41
HO6 BGC D . 2.32 -17.66 -7.79
#